data_4XZ7
#
_entry.id   4XZ7
#
_cell.length_a   89.133
_cell.length_b   91.935
_cell.length_c   102.172
_cell.angle_alpha   90.00
_cell.angle_beta   90.00
_cell.angle_gamma   90.00
#
_symmetry.space_group_name_H-M   'P 21 21 21'
#
loop_
_entity.id
_entity.type
_entity.pdbx_description
1 polymer 'Putative uncharacterized protein'
2 water water
#
_entity_poly.entity_id   1
_entity_poly.type   'polypeptide(L)'
_entity_poly.pdbx_seq_one_letter_code
;ENSHLQSPKNTNKIEVLNWEAFSKKLKDYSSDQRQFHVLKLGFENRLGTLSTREELEEFGKNNNFLVINGKVTQNIHDFP
HILVMNKGDVIAHNEEDYHNQMRELRFSGNGDLHNSMEPKRIHALFKIELDSNKRQLLNAAGLGTAENSLKNINGMTIYS
HGLTVDNKYYEDYSKYTHNSVKNINVTKERFIANDDLIHKLIESSEAMKQSSERDKVKAFVQYVANHTTYDWEAANKAVQ
NYADINYYLGSDLFAVTERQKAMCVGFSTTAARAFNMLGLPAYVVVGKNAEGVPHATARVYYDKKWHTIDGTGFITGNKH
QRSAKYSEKHFSTIGEDSYDVVEAGQEPKAERNYMIIDSNYESWAMKQKTADLLLFNKEKSLVGLDYIAYVEPTYITEN
;
_entity_poly.pdbx_strand_id   A,B
#
# COMPACT_ATOMS: atom_id res chain seq x y z
N ASN A 12 31.64 -29.67 3.70
CA ASN A 12 30.60 -29.19 4.60
C ASN A 12 29.20 -29.66 4.19
N LYS A 13 28.36 -29.94 5.18
CA LYS A 13 26.99 -30.36 4.92
C LYS A 13 25.99 -29.32 5.39
N ILE A 14 25.07 -28.96 4.50
CA ILE A 14 23.98 -28.07 4.86
C ILE A 14 22.67 -28.76 4.52
N GLU A 15 21.78 -28.85 5.50
CA GLU A 15 20.49 -29.47 5.29
C GLU A 15 19.37 -28.49 5.64
N VAL A 16 18.33 -28.48 4.82
CA VAL A 16 17.23 -27.54 4.97
C VAL A 16 15.97 -28.24 5.51
N LEU A 17 15.49 -27.79 6.67
CA LEU A 17 14.38 -28.45 7.35
C LEU A 17 13.24 -27.49 7.64
N ASN A 18 12.00 -27.95 7.54
CA ASN A 18 10.91 -27.08 8.00
C ASN A 18 10.85 -27.10 9.52
N TRP A 19 9.97 -26.30 10.10
CA TRP A 19 9.93 -26.16 11.56
C TRP A 19 9.68 -27.47 12.29
N GLU A 20 8.91 -28.39 11.71
CA GLU A 20 8.57 -29.63 12.41
C GLU A 20 9.82 -30.43 12.72
N ALA A 21 10.52 -30.84 11.65
CA ALA A 21 11.73 -31.64 11.78
C ALA A 21 12.81 -30.92 12.62
N PHE A 22 12.96 -29.63 12.35
CA PHE A 22 13.96 -28.86 13.05
C PHE A 22 13.64 -28.82 14.54
N SER A 23 12.35 -28.72 14.88
CA SER A 23 11.94 -28.73 16.27
C SER A 23 12.30 -30.06 16.92
N LYS A 24 12.12 -31.16 16.18
CA LYS A 24 12.60 -32.47 16.67
C LYS A 24 14.06 -32.36 17.09
N LYS A 25 14.90 -31.92 16.16
CA LYS A 25 16.34 -31.90 16.42
C LYS A 25 16.75 -30.87 17.48
N LEU A 26 16.01 -29.77 17.57
CA LEU A 26 16.26 -28.74 18.59
C LEU A 26 15.97 -29.31 19.96
N LYS A 27 14.86 -30.04 20.08
CA LYS A 27 14.54 -30.76 21.29
C LYS A 27 15.66 -31.71 21.66
N ASP A 28 16.20 -32.41 20.66
CA ASP A 28 17.33 -33.33 20.92
C ASP A 28 18.56 -32.63 21.49
N TYR A 29 19.01 -31.54 20.87
CA TYR A 29 20.34 -31.02 21.20
C TYR A 29 20.38 -29.72 22.01
N SER A 30 19.23 -29.11 22.28
CA SER A 30 19.24 -27.79 22.91
C SER A 30 18.07 -27.55 23.86
N SER A 31 17.70 -28.59 24.61
CA SER A 31 16.53 -28.52 25.49
C SER A 31 16.70 -27.46 26.57
N ASP A 32 17.94 -27.32 27.04
CA ASP A 32 18.27 -26.38 28.11
C ASP A 32 18.16 -24.93 27.68
N GLN A 33 18.37 -24.68 26.39
CA GLN A 33 18.34 -23.31 25.86
C GLN A 33 16.93 -22.84 25.51
N ARG A 34 16.50 -21.79 26.19
CA ARG A 34 15.13 -21.31 26.08
C ARG A 34 15.03 -20.02 25.27
N GLN A 35 16.18 -19.54 24.80
CA GLN A 35 16.23 -18.34 23.98
C GLN A 35 17.31 -18.48 22.93
N PHE A 36 16.99 -18.13 21.69
CA PHE A 36 18.01 -18.14 20.65
C PHE A 36 18.00 -16.80 19.94
N HIS A 37 19.17 -16.37 19.47
CA HIS A 37 19.20 -15.32 18.47
C HIS A 37 19.00 -16.00 17.14
N VAL A 38 18.48 -15.28 16.16
CA VAL A 38 18.18 -15.87 14.87
C VAL A 38 18.70 -15.03 13.71
N LEU A 39 19.62 -15.61 12.95
CA LEU A 39 20.14 -14.96 11.75
C LEU A 39 19.43 -15.51 10.52
N LYS A 40 19.06 -14.63 9.62
CA LYS A 40 18.48 -15.02 8.36
C LYS A 40 19.50 -14.73 7.25
N LEU A 41 19.77 -15.73 6.41
CA LEU A 41 20.77 -15.58 5.35
C LEU A 41 20.34 -14.48 4.44
N GLY A 42 21.29 -13.65 4.01
CA GLY A 42 20.98 -12.55 3.11
C GLY A 42 20.61 -11.28 3.85
N PHE A 43 20.47 -11.37 5.16
CA PHE A 43 20.13 -10.20 5.98
C PHE A 43 21.23 -9.93 6.99
N GLU A 44 21.58 -8.66 7.15
CA GLU A 44 22.72 -8.35 7.99
C GLU A 44 22.30 -8.28 9.46
N ASN A 45 21.12 -7.74 9.73
CA ASN A 45 20.60 -7.74 11.09
C ASN A 45 20.11 -9.13 11.49
N ARG A 46 19.96 -9.35 12.79
CA ARG A 46 19.31 -10.56 13.27
C ARG A 46 17.86 -10.50 12.88
N LEU A 47 17.22 -11.67 12.82
CA LEU A 47 15.79 -11.73 12.54
C LEU A 47 15.05 -11.75 13.86
N GLY A 48 15.59 -12.50 14.83
CA GLY A 48 15.03 -12.57 16.16
C GLY A 48 16.06 -12.27 17.22
N THR A 49 15.60 -11.71 18.34
CA THR A 49 16.49 -11.40 19.46
C THR A 49 15.97 -12.07 20.73
N LEU A 50 16.76 -13.01 21.27
CA LEU A 50 16.32 -13.83 22.40
C LEU A 50 14.98 -14.49 22.11
N SER A 51 14.84 -15.03 20.90
CA SER A 51 13.59 -15.64 20.47
C SER A 51 13.28 -16.94 21.22
N THR A 52 11.99 -17.14 21.53
CA THR A 52 11.49 -18.39 22.12
C THR A 52 11.09 -19.36 21.02
N ARG A 53 10.78 -20.60 21.39
CA ARG A 53 10.38 -21.62 20.43
C ARG A 53 9.04 -21.28 19.81
N GLU A 54 8.22 -20.54 20.56
CA GLU A 54 6.99 -19.97 20.04
C GLU A 54 7.31 -19.09 18.81
N GLU A 55 8.21 -18.14 19.04
CA GLU A 55 8.57 -17.16 18.02
C GLU A 55 9.33 -17.82 16.88
N LEU A 56 10.05 -18.88 17.20
CA LEU A 56 10.73 -19.68 16.18
C LEU A 56 9.70 -20.34 15.27
N GLU A 57 8.64 -20.86 15.89
CA GLU A 57 7.56 -21.50 15.14
C GLU A 57 6.89 -20.51 14.20
N GLU A 58 6.68 -19.29 14.69
CA GLU A 58 6.18 -18.23 13.82
C GLU A 58 7.13 -18.00 12.66
N PHE A 59 8.44 -17.99 12.95
CA PHE A 59 9.45 -17.78 11.91
C PHE A 59 9.33 -18.87 10.85
N GLY A 60 8.93 -20.05 11.29
CA GLY A 60 8.77 -21.20 10.42
C GLY A 60 7.68 -21.11 9.36
N LYS A 61 6.82 -20.09 9.47
CA LYS A 61 5.81 -19.84 8.43
C LYS A 61 6.46 -19.47 7.09
N ASN A 62 7.46 -18.59 7.12
CA ASN A 62 8.08 -18.14 5.88
C ASN A 62 9.54 -18.54 5.70
N ASN A 63 10.12 -19.18 6.71
CA ASN A 63 11.51 -19.61 6.62
C ASN A 63 11.70 -21.09 6.90
N ASN A 64 12.74 -21.65 6.29
CA ASN A 64 13.23 -22.97 6.65
C ASN A 64 14.46 -22.81 7.53
N PHE A 65 14.89 -23.91 8.12
CA PHE A 65 15.93 -23.89 9.13
C PHE A 65 17.13 -24.67 8.64
N LEU A 66 18.31 -24.12 8.87
CA LEU A 66 19.54 -24.73 8.40
C LEU A 66 20.17 -25.58 9.48
N VAL A 67 20.58 -26.78 9.07
CA VAL A 67 21.32 -27.67 9.93
C VAL A 67 22.68 -27.87 9.28
N ILE A 68 23.71 -27.41 9.97
CA ILE A 68 25.03 -27.37 9.39
C ILE A 68 25.95 -28.35 10.11
N ASN A 69 26.47 -29.30 9.34
CA ASN A 69 27.30 -30.35 9.90
C ASN A 69 26.61 -30.98 11.12
N GLY A 70 25.32 -31.25 10.97
CA GLY A 70 24.55 -31.89 12.03
C GLY A 70 24.07 -30.96 13.12
N LYS A 71 24.71 -29.80 13.25
CA LYS A 71 24.37 -28.87 14.35
C LYS A 71 23.11 -28.07 14.07
N VAL A 72 22.30 -27.89 15.11
CA VAL A 72 21.04 -27.16 15.03
C VAL A 72 21.21 -25.74 15.52
N THR A 73 22.30 -25.51 16.24
CA THR A 73 22.50 -24.21 16.85
C THR A 73 23.96 -23.81 16.69
N GLN A 74 24.23 -22.51 16.77
CA GLN A 74 25.58 -21.98 16.58
C GLN A 74 25.99 -21.06 17.73
N ASN A 75 27.23 -21.19 18.18
CA ASN A 75 27.77 -20.23 19.12
C ASN A 75 28.49 -19.10 18.39
N ILE A 76 27.84 -17.95 18.27
CA ILE A 76 28.38 -16.88 17.44
C ILE A 76 29.14 -15.84 18.27
N HIS A 77 28.47 -15.26 19.25
CA HIS A 77 29.15 -14.39 20.19
C HIS A 77 28.84 -14.88 21.58
N ASP A 78 29.31 -16.09 21.84
CA ASP A 78 29.01 -16.83 23.07
C ASP A 78 27.52 -16.89 23.41
N PHE A 79 26.67 -16.86 22.37
CA PHE A 79 25.24 -17.11 22.55
C PHE A 79 24.69 -17.93 21.38
N PRO A 80 23.80 -18.91 21.66
CA PRO A 80 23.24 -19.79 20.62
C PRO A 80 22.43 -19.06 19.55
N HIS A 81 22.82 -19.27 18.29
CA HIS A 81 22.13 -18.69 17.15
C HIS A 81 21.53 -19.78 16.26
N ILE A 82 20.39 -19.47 15.64
CA ILE A 82 19.81 -20.36 14.64
C ILE A 82 19.82 -19.69 13.28
N LEU A 83 20.22 -20.45 12.25
CA LEU A 83 20.25 -19.98 10.88
C LEU A 83 18.98 -20.33 10.14
N VAL A 84 18.36 -19.32 9.53
CA VAL A 84 17.21 -19.58 8.69
C VAL A 84 17.41 -18.95 7.32
N MET A 85 16.52 -19.29 6.40
CA MET A 85 16.49 -18.69 5.07
C MET A 85 15.08 -18.78 4.53
N ASN A 86 14.64 -17.72 3.85
CA ASN A 86 13.36 -17.68 3.17
C ASN A 86 13.03 -18.96 2.42
N LYS A 87 11.81 -19.46 2.59
CA LYS A 87 11.31 -20.52 1.75
C LYS A 87 11.37 -20.05 0.31
N GLY A 88 11.85 -20.92 -0.57
CA GLY A 88 12.06 -20.53 -1.95
C GLY A 88 13.53 -20.32 -2.26
N ASP A 89 14.31 -19.84 -1.29
CA ASP A 89 15.74 -19.62 -1.51
C ASP A 89 16.41 -20.90 -1.99
N VAL A 90 17.43 -20.80 -2.83
CA VAL A 90 18.07 -22.02 -3.31
C VAL A 90 19.54 -22.10 -2.90
N ILE A 91 20.04 -23.33 -2.82
CA ILE A 91 21.43 -23.55 -2.49
C ILE A 91 22.18 -24.08 -3.70
N ALA A 92 23.25 -23.39 -4.07
CA ALA A 92 24.15 -23.89 -5.10
C ALA A 92 25.12 -24.86 -4.44
N HIS A 93 25.44 -25.95 -5.11
CA HIS A 93 26.30 -26.97 -4.50
C HIS A 93 27.68 -26.93 -5.11
N ASN A 94 27.77 -26.40 -6.33
CA ASN A 94 29.03 -26.24 -7.03
C ASN A 94 28.93 -25.15 -8.09
N GLU A 95 30.08 -24.75 -8.63
CA GLU A 95 30.17 -23.69 -9.62
C GLU A 95 29.23 -23.87 -10.81
N GLU A 96 29.17 -25.10 -11.32
CA GLU A 96 28.35 -25.39 -12.48
C GLU A 96 26.88 -25.24 -12.15
N ASP A 97 26.46 -25.87 -11.05
CA ASP A 97 25.10 -25.79 -10.54
C ASP A 97 24.69 -24.32 -10.38
N TYR A 98 25.60 -23.53 -9.84
CA TYR A 98 25.38 -22.11 -9.64
C TYR A 98 25.16 -21.44 -10.99
N HIS A 99 25.98 -21.79 -11.98
CA HIS A 99 25.84 -21.20 -13.32
C HIS A 99 24.48 -21.52 -13.93
N ASN A 100 23.99 -22.72 -13.69
CA ASN A 100 22.71 -23.14 -14.27
C ASN A 100 21.53 -22.35 -13.69
N GLN A 101 21.58 -22.10 -12.40
CA GLN A 101 20.58 -21.33 -11.71
C GLN A 101 20.55 -19.88 -12.21
N MET A 102 21.73 -19.36 -12.51
CA MET A 102 21.88 -17.97 -12.92
C MET A 102 21.80 -17.75 -14.43
N ARG A 103 21.80 -18.85 -15.20
CA ARG A 103 21.90 -18.79 -16.66
C ARG A 103 20.84 -17.89 -17.32
N GLU A 104 19.64 -17.84 -16.77
CA GLU A 104 18.59 -17.01 -17.33
C GLU A 104 17.86 -16.27 -16.21
N LEU A 105 17.60 -14.98 -16.45
CA LEU A 105 16.91 -14.13 -15.50
C LEU A 105 15.68 -14.84 -14.94
N ARG A 106 15.53 -14.83 -13.62
CA ARG A 106 14.35 -15.40 -12.99
C ARG A 106 13.44 -14.29 -12.46
N PHE A 107 12.24 -14.19 -13.02
CA PHE A 107 11.39 -13.10 -12.59
C PHE A 107 10.55 -13.52 -11.40
N SER A 108 10.37 -12.57 -10.50
CA SER A 108 9.62 -12.77 -9.27
C SER A 108 8.24 -13.37 -9.51
N GLY A 109 7.48 -12.76 -10.40
CA GLY A 109 6.13 -13.20 -10.69
C GLY A 109 5.94 -14.56 -11.35
N ASN A 110 7.02 -15.29 -11.63
CA ASN A 110 6.88 -16.57 -12.32
C ASN A 110 7.02 -17.80 -11.40
N GLY A 111 7.12 -17.56 -10.09
CA GLY A 111 7.02 -18.63 -9.12
C GLY A 111 5.54 -18.97 -9.00
N ASP A 112 5.23 -20.19 -8.54
CA ASP A 112 3.82 -20.59 -8.45
C ASP A 112 2.99 -19.70 -7.50
N LEU A 113 3.41 -19.44 -6.26
CA LEU A 113 4.56 -20.03 -5.57
C LEU A 113 4.23 -21.15 -4.55
N HIS A 114 3.08 -21.17 -3.85
CA HIS A 114 1.94 -20.24 -3.96
C HIS A 114 2.17 -18.95 -3.17
N ASN A 115 2.98 -19.05 -2.11
CA ASN A 115 3.41 -17.91 -1.29
C ASN A 115 4.86 -18.15 -0.88
N SER A 116 5.69 -17.11 -0.73
CA SER A 116 5.37 -15.72 -0.98
C SER A 116 5.96 -15.32 -2.33
N MET A 117 6.00 -14.02 -2.61
CA MET A 117 6.55 -13.52 -3.87
C MET A 117 7.66 -12.49 -3.61
N GLU A 118 8.09 -12.43 -2.35
CA GLU A 118 9.26 -11.66 -1.94
C GLU A 118 10.51 -12.10 -2.69
N PRO A 119 11.51 -11.21 -2.81
CA PRO A 119 12.74 -11.59 -3.50
C PRO A 119 13.35 -12.90 -2.97
N LYS A 120 13.61 -13.83 -3.86
CA LYS A 120 14.33 -15.05 -3.51
C LYS A 120 15.82 -14.83 -3.64
N ARG A 121 16.59 -15.54 -2.83
CA ARG A 121 18.04 -15.47 -2.84
C ARG A 121 18.68 -16.84 -3.11
N ILE A 122 19.90 -16.81 -3.62
CA ILE A 122 20.69 -18.02 -3.81
C ILE A 122 21.90 -17.94 -2.89
N HIS A 123 22.29 -19.09 -2.37
CA HIS A 123 23.33 -19.19 -1.36
C HIS A 123 24.37 -20.20 -1.79
N ALA A 124 25.53 -20.17 -1.16
CA ALA A 124 26.60 -21.12 -1.46
C ALA A 124 27.65 -21.04 -0.38
N LEU A 125 28.52 -22.04 -0.33
CA LEU A 125 29.55 -22.09 0.68
C LEU A 125 30.85 -21.64 0.08
N PHE A 126 30.80 -21.38 -1.23
CA PHE A 126 31.89 -20.73 -1.93
C PHE A 126 31.45 -19.35 -2.38
N LYS A 127 32.41 -18.55 -2.79
CA LYS A 127 32.16 -17.17 -3.15
C LYS A 127 31.25 -17.07 -4.38
N ILE A 128 30.09 -16.47 -4.17
CA ILE A 128 29.21 -16.10 -5.26
C ILE A 128 28.79 -14.66 -5.08
N GLU A 129 28.75 -13.92 -6.19
CA GLU A 129 28.31 -12.54 -6.10
C GLU A 129 27.74 -12.08 -7.42
N LEU A 130 26.80 -11.16 -7.35
CA LEU A 130 26.38 -10.39 -8.49
C LEU A 130 27.21 -9.10 -8.49
N ASP A 131 28.22 -9.00 -9.35
CA ASP A 131 29.14 -7.86 -9.31
C ASP A 131 28.48 -6.54 -9.72
N SER A 132 29.27 -5.47 -9.69
CA SER A 132 28.74 -4.13 -9.91
C SER A 132 28.31 -3.97 -11.36
N ASN A 133 29.00 -4.63 -12.29
CA ASN A 133 28.60 -4.56 -13.69
C ASN A 133 27.20 -5.09 -13.89
N LYS A 134 26.97 -6.30 -13.39
CA LYS A 134 25.67 -6.94 -13.56
C LYS A 134 24.52 -6.12 -12.93
N ARG A 135 24.79 -5.51 -11.80
CA ARG A 135 23.77 -4.73 -11.11
C ARG A 135 23.55 -3.40 -11.83
N GLN A 136 24.59 -2.90 -12.48
CA GLN A 136 24.44 -1.73 -13.33
C GLN A 136 23.51 -2.08 -14.52
N LEU A 137 23.70 -3.26 -15.14
CA LEU A 137 22.81 -3.63 -16.25
C LEU A 137 21.35 -3.88 -15.82
N LEU A 138 21.19 -4.55 -14.68
CA LEU A 138 19.85 -4.71 -14.09
C LEU A 138 19.21 -3.33 -13.89
N ASN A 139 19.96 -2.42 -13.27
CA ASN A 139 19.48 -1.06 -13.07
C ASN A 139 19.09 -0.38 -14.39
N ALA A 140 19.86 -0.66 -15.46
CA ALA A 140 19.58 -0.09 -16.78
C ALA A 140 18.33 -0.71 -17.40
N ALA A 141 17.84 -1.78 -16.78
CA ALA A 141 16.56 -2.34 -17.19
C ALA A 141 15.39 -1.95 -16.28
N GLY A 142 15.64 -1.09 -15.31
CA GLY A 142 14.64 -0.78 -14.28
C GLY A 142 14.43 -1.93 -13.30
N LEU A 143 15.41 -2.84 -13.23
CA LEU A 143 15.31 -4.05 -12.40
C LEU A 143 16.27 -4.03 -11.21
N GLY A 144 15.93 -4.82 -10.19
CA GLY A 144 16.80 -4.97 -9.02
C GLY A 144 16.77 -6.40 -8.50
N THR A 145 17.72 -6.72 -7.63
CA THR A 145 17.79 -8.04 -6.99
C THR A 145 18.54 -7.91 -5.66
N ALA A 146 18.36 -8.87 -4.75
CA ALA A 146 18.88 -8.72 -3.39
C ALA A 146 20.40 -8.57 -3.38
N GLU A 147 20.89 -7.85 -2.39
CA GLU A 147 22.31 -7.50 -2.32
C GLU A 147 23.17 -8.70 -1.99
N ASN A 148 24.46 -8.58 -2.32
CA ASN A 148 25.42 -9.57 -1.92
C ASN A 148 25.54 -9.53 -0.41
N SER A 149 25.72 -10.69 0.19
CA SER A 149 25.67 -10.78 1.62
C SER A 149 26.48 -11.96 2.06
N LEU A 150 26.82 -11.97 3.34
CA LEU A 150 27.89 -12.80 3.80
C LEU A 150 27.69 -13.15 5.25
N LYS A 151 27.86 -14.42 5.57
CA LYS A 151 27.83 -14.84 6.97
C LYS A 151 28.97 -15.80 7.22
N ASN A 152 29.84 -15.44 8.16
CA ASN A 152 30.90 -16.34 8.58
C ASN A 152 30.56 -17.03 9.88
N ILE A 153 30.19 -18.29 9.79
CA ILE A 153 29.54 -18.97 10.91
C ILE A 153 30.54 -19.58 11.89
N ASN A 154 31.49 -20.35 11.38
CA ASN A 154 32.54 -20.94 12.21
C ASN A 154 33.72 -21.36 11.35
N GLY A 155 34.34 -20.39 10.68
CA GLY A 155 35.43 -20.69 9.76
C GLY A 155 34.93 -20.95 8.35
N MET A 156 33.66 -21.34 8.24
CA MET A 156 33.01 -21.58 6.94
C MET A 156 32.14 -20.40 6.56
N THR A 157 32.15 -20.08 5.27
CA THR A 157 31.50 -18.86 4.83
C THR A 157 30.31 -19.11 3.91
N ILE A 158 29.18 -18.51 4.26
CA ILE A 158 27.98 -18.60 3.47
C ILE A 158 27.73 -17.32 2.71
N TYR A 159 27.95 -17.40 1.39
CA TYR A 159 27.70 -16.32 0.46
C TYR A 159 26.26 -16.34 -0.04
N SER A 160 25.66 -15.17 -0.18
CA SER A 160 24.30 -15.07 -0.69
C SER A 160 24.14 -13.87 -1.64
N HIS A 161 23.26 -13.99 -2.62
CA HIS A 161 22.80 -12.80 -3.32
C HIS A 161 21.44 -13.05 -3.94
N GLY A 162 20.85 -11.99 -4.51
CA GLY A 162 19.52 -12.08 -5.10
C GLY A 162 19.47 -13.14 -6.18
N LEU A 163 18.30 -13.77 -6.34
CA LEU A 163 18.10 -14.79 -7.35
C LEU A 163 17.03 -14.34 -8.33
N THR A 164 15.89 -13.91 -7.80
CA THR A 164 14.85 -13.34 -8.62
C THR A 164 15.09 -11.85 -8.84
N VAL A 165 14.64 -11.37 -9.98
CA VAL A 165 14.71 -9.97 -10.29
C VAL A 165 13.28 -9.46 -10.31
N ASP A 166 13.11 -8.16 -10.10
CA ASP A 166 11.82 -7.52 -10.03
C ASP A 166 12.05 -6.03 -10.25
N ASN A 167 10.96 -5.29 -10.46
CA ASN A 167 10.95 -3.83 -10.37
C ASN A 167 11.94 -3.37 -9.29
N LYS A 168 12.90 -2.51 -9.65
CA LYS A 168 13.93 -2.11 -8.70
C LYS A 168 13.37 -1.34 -7.48
N TYR A 169 12.14 -0.87 -7.59
CA TYR A 169 11.46 -0.22 -6.47
C TYR A 169 10.61 -1.16 -5.63
N TYR A 170 10.91 -2.45 -5.69
CA TYR A 170 10.12 -3.44 -4.96
C TYR A 170 9.93 -3.08 -3.49
N GLU A 171 11.03 -2.72 -2.82
CA GLU A 171 10.98 -2.46 -1.38
C GLU A 171 10.15 -1.22 -1.09
N ASP A 172 10.34 -0.19 -1.92
CA ASP A 172 9.62 1.06 -1.78
C ASP A 172 8.11 0.86 -1.96
N TYR A 173 7.72 0.09 -2.97
CA TYR A 173 6.32 -0.18 -3.17
C TYR A 173 5.76 -0.99 -2.00
N SER A 174 6.56 -1.94 -1.52
CA SER A 174 6.07 -2.87 -0.51
C SER A 174 5.84 -2.20 0.82
N LYS A 175 6.52 -1.08 1.07
CA LYS A 175 6.18 -0.29 2.25
C LYS A 175 4.76 0.28 2.13
N TYR A 176 4.35 0.61 0.92
CA TYR A 176 3.00 1.07 0.68
C TYR A 176 2.02 -0.07 0.83
N THR A 177 2.36 -1.25 0.31
CA THR A 177 1.49 -2.41 0.52
C THR A 177 1.21 -2.61 2.02
N HIS A 178 2.30 -2.68 2.79
CA HIS A 178 2.20 -2.83 4.23
C HIS A 178 1.39 -1.75 4.91
N ASN A 179 1.69 -0.48 4.62
CA ASN A 179 0.94 0.61 5.25
C ASN A 179 -0.53 0.62 4.82
N SER A 180 -0.83 0.03 3.67
CA SER A 180 -2.20 0.01 3.15
C SER A 180 -3.03 -1.09 3.80
N VAL A 181 -2.39 -2.19 4.23
CA VAL A 181 -3.16 -3.28 4.82
C VAL A 181 -3.09 -3.38 6.36
N LYS A 182 -2.11 -2.74 6.98
CA LYS A 182 -1.88 -2.97 8.40
C LYS A 182 -3.01 -2.43 9.28
N ASN A 183 -3.79 -1.47 8.77
CA ASN A 183 -4.86 -0.85 9.56
C ASN A 183 -6.25 -1.26 9.12
N ILE A 184 -6.36 -2.21 8.19
CA ILE A 184 -7.67 -2.72 7.76
C ILE A 184 -7.77 -4.21 8.05
N ASN A 185 -8.91 -4.80 7.73
CA ASN A 185 -9.25 -6.13 8.24
C ASN A 185 -9.05 -6.14 9.74
N VAL A 186 -9.55 -5.12 10.40
CA VAL A 186 -9.36 -5.00 11.84
C VAL A 186 -10.01 -6.19 12.55
N THR A 187 -9.26 -6.79 13.49
CA THR A 187 -9.79 -7.86 14.34
C THR A 187 -10.40 -7.28 15.62
N LYS A 188 -11.26 -8.05 16.30
CA LYS A 188 -11.83 -7.54 17.54
C LYS A 188 -10.72 -7.36 18.60
N GLU A 189 -9.70 -8.21 18.54
CA GLU A 189 -8.57 -8.07 19.44
C GLU A 189 -7.83 -6.74 19.24
N ARG A 190 -7.58 -6.39 17.98
CA ARG A 190 -6.96 -5.11 17.64
C ARG A 190 -7.81 -3.94 18.13
N PHE A 191 -9.12 -4.08 17.97
CA PHE A 191 -10.01 -2.97 18.34
C PHE A 191 -9.96 -2.80 19.87
N ILE A 192 -10.03 -3.92 20.58
CA ILE A 192 -9.99 -3.87 22.04
C ILE A 192 -8.65 -3.31 22.54
N ALA A 193 -7.56 -3.70 21.88
CA ALA A 193 -6.25 -3.17 22.27
C ALA A 193 -6.21 -1.66 21.98
N ASN A 194 -6.91 -1.22 20.95
CA ASN A 194 -6.94 0.21 20.69
C ASN A 194 -7.70 0.95 21.78
N ASP A 195 -8.81 0.38 22.22
CA ASP A 195 -9.53 0.92 23.37
C ASP A 195 -8.61 1.01 24.60
N ASP A 196 -7.74 0.02 24.79
CA ASP A 196 -6.78 0.08 25.90
C ASP A 196 -5.81 1.26 25.77
N LEU A 197 -5.27 1.45 24.56
CA LEU A 197 -4.47 2.65 24.26
C LEU A 197 -5.20 3.96 24.64
N ILE A 198 -6.50 4.00 24.33
CA ILE A 198 -7.26 5.20 24.64
C ILE A 198 -7.37 5.37 26.17
N HIS A 199 -7.59 4.27 26.87
CA HIS A 199 -7.61 4.30 28.33
C HIS A 199 -6.34 4.86 28.91
N LYS A 200 -5.20 4.45 28.34
CA LYS A 200 -3.93 4.97 28.80
C LYS A 200 -3.86 6.48 28.58
N LEU A 201 -4.36 6.93 27.44
CA LEU A 201 -4.37 8.38 27.19
C LEU A 201 -5.24 9.09 28.23
N ILE A 202 -6.35 8.46 28.60
CA ILE A 202 -7.25 9.07 29.57
C ILE A 202 -6.56 9.14 30.94
N GLU A 203 -6.03 8.01 31.42
CA GLU A 203 -5.30 7.97 32.70
C GLU A 203 -4.25 9.05 32.74
N SER A 204 -3.35 9.01 31.76
CA SER A 204 -2.29 10.00 31.67
C SER A 204 -2.80 11.45 31.64
N SER A 205 -3.98 11.69 31.06
CA SER A 205 -4.51 13.04 30.96
C SER A 205 -5.07 13.56 32.29
N GLU A 206 -5.20 12.66 33.27
CA GLU A 206 -5.79 12.97 34.59
C GLU A 206 -7.23 13.48 34.49
N ALA A 207 -7.91 13.14 33.40
CA ALA A 207 -9.23 13.68 33.10
C ALA A 207 -10.27 13.21 34.10
N MET A 208 -10.10 11.99 34.59
CA MET A 208 -11.04 11.44 35.54
C MET A 208 -10.95 12.14 36.89
N LYS A 209 -9.80 12.73 37.19
CA LYS A 209 -9.59 13.36 38.49
C LYS A 209 -10.05 14.82 38.52
N GLN A 210 -10.55 15.32 37.40
CA GLN A 210 -11.14 16.66 37.35
C GLN A 210 -12.55 16.66 37.94
N SER A 211 -12.99 17.82 38.40
CA SER A 211 -14.31 17.94 39.01
C SER A 211 -15.43 17.87 37.99
N SER A 212 -15.41 18.79 37.03
CA SER A 212 -16.52 18.98 36.11
C SER A 212 -16.32 18.31 34.76
N GLU A 213 -17.41 18.14 34.03
CA GLU A 213 -17.41 17.60 32.69
C GLU A 213 -16.53 18.41 31.76
N ARG A 214 -16.69 19.73 31.82
CA ARG A 214 -15.93 20.61 30.96
C ARG A 214 -14.46 20.38 31.19
N ASP A 215 -14.08 20.23 32.46
CA ASP A 215 -12.68 20.04 32.82
C ASP A 215 -12.16 18.67 32.38
N LYS A 216 -13.01 17.66 32.40
CA LYS A 216 -12.62 16.35 31.86
C LYS A 216 -12.32 16.50 30.38
N VAL A 217 -13.23 17.14 29.65
CA VAL A 217 -13.03 17.38 28.22
C VAL A 217 -11.73 18.13 27.96
N LYS A 218 -11.56 19.25 28.65
CA LYS A 218 -10.37 20.09 28.49
C LYS A 218 -9.09 19.30 28.78
N ALA A 219 -9.05 18.62 29.92
CA ALA A 219 -7.88 17.81 30.30
C ALA A 219 -7.51 16.80 29.21
N PHE A 220 -8.49 16.04 28.74
CA PHE A 220 -8.17 15.00 27.76
C PHE A 220 -7.69 15.60 26.45
N VAL A 221 -8.45 16.55 25.93
CA VAL A 221 -8.11 17.18 24.66
C VAL A 221 -6.71 17.80 24.71
N GLN A 222 -6.46 18.51 25.79
CA GLN A 222 -5.17 19.18 26.03
C GLN A 222 -4.02 18.18 26.04
N TYR A 223 -4.18 17.14 26.83
CA TYR A 223 -3.11 16.16 26.96
C TYR A 223 -2.83 15.54 25.60
N VAL A 224 -3.88 15.15 24.90
CA VAL A 224 -3.69 14.45 23.64
C VAL A 224 -3.06 15.35 22.59
N ALA A 225 -3.46 16.62 22.59
CA ALA A 225 -2.92 17.56 21.64
C ALA A 225 -1.48 17.91 21.96
N ASN A 226 -1.10 17.68 23.22
CA ASN A 226 0.28 18.00 23.64
C ASN A 226 1.20 16.80 23.55
N HIS A 227 0.63 15.62 23.43
CA HIS A 227 1.43 14.40 23.39
C HIS A 227 1.21 13.62 22.10
N THR A 228 0.75 14.32 21.07
CA THR A 228 0.57 13.71 19.77
C THR A 228 1.09 14.66 18.71
N THR A 229 1.87 14.13 17.78
CA THR A 229 2.39 14.93 16.69
C THR A 229 1.29 15.30 15.70
N TYR A 230 1.13 16.59 15.44
CA TYR A 230 0.23 17.03 14.38
C TYR A 230 0.91 16.91 13.01
N ASP A 231 0.27 16.18 12.10
CA ASP A 231 0.87 15.90 10.80
C ASP A 231 0.62 17.04 9.83
N TRP A 232 1.38 18.13 9.97
CA TRP A 232 1.19 19.32 9.15
C TRP A 232 1.49 19.08 7.65
N GLU A 233 2.39 18.16 7.36
CA GLU A 233 2.69 17.81 5.95
C GLU A 233 1.48 17.19 5.26
N ALA A 234 0.93 16.17 5.88
CA ALA A 234 -0.25 15.51 5.34
C ALA A 234 -1.38 16.52 5.21
N ALA A 235 -1.52 17.42 6.18
CA ALA A 235 -2.60 18.40 6.16
C ALA A 235 -2.43 19.38 5.02
N ASN A 236 -1.20 19.88 4.88
CA ASN A 236 -0.85 20.82 3.82
C ASN A 236 -1.06 20.21 2.46
N LYS A 237 -0.79 18.91 2.32
CA LYS A 237 -0.96 18.27 1.02
C LYS A 237 -2.43 17.94 0.75
N ALA A 238 -3.17 17.69 1.82
CA ALA A 238 -4.61 17.47 1.74
C ALA A 238 -5.32 18.74 1.26
N VAL A 239 -4.91 19.89 1.77
CA VAL A 239 -5.52 21.13 1.29
C VAL A 239 -4.99 21.46 -0.12
N GLN A 240 -3.87 20.84 -0.50
CA GLN A 240 -3.38 20.92 -1.88
C GLN A 240 -4.03 19.83 -2.75
N ASN A 241 -5.06 19.18 -2.22
CA ASN A 241 -5.75 18.06 -2.90
C ASN A 241 -4.80 17.15 -3.65
N TYR A 242 -3.74 16.76 -2.97
CA TYR A 242 -2.76 15.84 -3.49
C TYR A 242 -2.93 14.51 -2.75
N ALA A 243 -3.59 13.54 -3.40
CA ALA A 243 -3.91 12.25 -2.77
C ALA A 243 -2.71 11.65 -2.04
N ASP A 244 -2.95 11.14 -0.83
CA ASP A 244 -1.86 10.78 0.06
C ASP A 244 -2.31 9.76 1.10
N ILE A 245 -1.64 8.62 1.16
CA ILE A 245 -1.98 7.58 2.12
C ILE A 245 -1.83 8.12 3.54
N ASN A 246 -0.97 9.11 3.71
CA ASN A 246 -0.74 9.67 5.03
C ASN A 246 -1.96 10.40 5.59
N TYR A 247 -2.83 10.87 4.70
CA TYR A 247 -4.10 11.43 5.13
C TYR A 247 -4.85 10.35 5.90
N TYR A 248 -4.95 9.16 5.32
CA TYR A 248 -5.70 8.09 5.98
C TYR A 248 -4.97 7.62 7.24
N LEU A 249 -3.64 7.56 7.18
CA LEU A 249 -2.88 7.17 8.36
C LEU A 249 -2.99 8.22 9.49
N GLY A 250 -3.35 9.44 9.14
CA GLY A 250 -3.48 10.45 10.16
C GLY A 250 -4.93 10.67 10.53
N SER A 251 -5.82 9.91 9.92
CA SER A 251 -7.24 10.16 10.10
C SER A 251 -8.00 9.02 10.76
N ASP A 252 -7.43 7.81 10.72
CA ASP A 252 -8.21 6.65 11.18
C ASP A 252 -8.07 6.41 12.68
N LEU A 253 -8.65 5.33 13.18
CA LEU A 253 -8.74 5.15 14.63
C LEU A 253 -7.39 4.81 15.26
N PHE A 254 -6.40 4.53 14.42
CA PHE A 254 -5.07 4.17 14.93
C PHE A 254 -4.08 5.33 14.87
N ALA A 255 -4.55 6.46 14.38
CA ALA A 255 -3.70 7.64 14.16
C ALA A 255 -3.10 8.21 15.42
N VAL A 256 -3.93 8.60 16.41
CA VAL A 256 -3.32 9.20 17.60
C VAL A 256 -2.85 8.10 18.56
N THR A 257 -3.44 6.91 18.46
CA THR A 257 -3.16 5.88 19.46
C THR A 257 -1.91 5.06 19.16
N GLU A 258 -1.80 4.52 17.94
CA GLU A 258 -0.67 3.70 17.56
C GLU A 258 0.40 4.53 16.86
N ARG A 259 -0.01 5.27 15.84
CA ARG A 259 0.90 6.10 15.04
C ARG A 259 1.45 7.31 15.82
N GLN A 260 0.67 7.81 16.77
CA GLN A 260 1.01 9.00 17.55
C GLN A 260 1.28 10.19 16.65
N LYS A 261 0.63 10.19 15.49
CA LYS A 261 0.76 11.27 14.53
C LYS A 261 -0.57 11.39 13.80
N ALA A 262 -1.19 12.57 13.76
CA ALA A 262 -2.58 12.64 13.29
C ALA A 262 -3.02 13.99 12.73
N MET A 263 -4.06 13.98 11.92
CA MET A 263 -4.77 15.17 11.62
C MET A 263 -6.19 15.16 12.21
N CYS A 264 -6.97 16.16 11.83
CA CYS A 264 -8.23 16.48 12.48
C CYS A 264 -9.17 15.30 12.71
N VAL A 265 -9.39 14.48 11.70
CA VAL A 265 -10.31 13.39 11.84
C VAL A 265 -9.78 12.40 12.86
N GLY A 266 -8.47 12.23 12.89
CA GLY A 266 -7.86 11.30 13.86
C GLY A 266 -8.09 11.76 15.29
N PHE A 267 -7.70 13.01 15.57
CA PHE A 267 -7.89 13.61 16.86
C PHE A 267 -9.36 13.53 17.27
N SER A 268 -10.26 13.83 16.33
CA SER A 268 -11.68 13.87 16.66
C SER A 268 -12.26 12.50 16.94
N THR A 269 -11.81 11.49 16.21
CA THR A 269 -12.30 10.12 16.34
C THR A 269 -11.83 9.50 17.66
N THR A 270 -10.56 9.70 17.98
CA THR A 270 -10.04 9.24 19.27
C THR A 270 -10.78 9.95 20.41
N ALA A 271 -10.92 11.27 20.28
CA ALA A 271 -11.60 12.01 21.34
C ALA A 271 -13.05 11.53 21.48
N ALA A 272 -13.75 11.37 20.37
CA ALA A 272 -15.15 10.92 20.45
C ALA A 272 -15.23 9.59 21.17
N ARG A 273 -14.34 8.65 20.82
CA ARG A 273 -14.32 7.35 21.48
C ARG A 273 -14.07 7.47 22.99
N ALA A 274 -13.08 8.29 23.36
CA ALA A 274 -12.74 8.48 24.75
C ALA A 274 -13.89 9.10 25.52
N PHE A 275 -14.58 10.05 24.89
CA PHE A 275 -15.64 10.76 25.60
C PHE A 275 -16.81 9.81 25.85
N ASN A 276 -17.12 8.96 24.89
CA ASN A 276 -18.17 7.99 25.11
C ASN A 276 -17.75 7.05 26.23
N MET A 277 -16.48 6.67 26.29
CA MET A 277 -16.00 5.88 27.41
C MET A 277 -16.17 6.60 28.73
N LEU A 278 -15.88 7.89 28.72
CA LEU A 278 -15.92 8.70 29.94
C LEU A 278 -17.32 9.10 30.33
N GLY A 279 -18.31 8.69 29.53
CA GLY A 279 -19.70 8.97 29.82
C GLY A 279 -20.19 10.29 29.27
N LEU A 280 -19.48 10.80 28.26
CA LEU A 280 -19.79 12.07 27.62
C LEU A 280 -20.15 11.80 26.17
N PRO A 281 -21.46 11.73 25.88
CA PRO A 281 -21.94 11.38 24.54
C PRO A 281 -21.24 12.18 23.47
N ALA A 282 -20.70 11.50 22.47
CA ALA A 282 -19.88 12.16 21.45
C ALA A 282 -19.98 11.51 20.08
N TYR A 283 -19.81 12.33 19.04
CA TYR A 283 -19.68 11.77 17.70
C TYR A 283 -18.81 12.70 16.86
N VAL A 284 -18.49 12.30 15.65
CA VAL A 284 -17.53 13.04 14.81
C VAL A 284 -18.26 13.76 13.69
N VAL A 285 -17.97 15.05 13.54
CA VAL A 285 -18.60 15.88 12.51
C VAL A 285 -17.57 16.62 11.65
N VAL A 286 -17.95 16.95 10.42
CA VAL A 286 -17.03 17.64 9.51
C VAL A 286 -17.61 19.00 9.06
N GLY A 287 -16.75 19.81 8.44
CA GLY A 287 -17.11 21.16 8.02
C GLY A 287 -15.86 21.92 7.62
N LYS A 288 -15.78 23.20 7.96
CA LYS A 288 -14.61 24.04 7.62
C LYS A 288 -14.14 24.86 8.80
N ASN A 289 -12.84 24.95 9.00
CA ASN A 289 -12.35 25.76 10.10
C ASN A 289 -12.42 27.26 9.79
N ALA A 290 -11.83 28.05 10.68
CA ALA A 290 -11.88 29.49 10.57
C ALA A 290 -11.19 30.03 9.31
N GLU A 291 -10.40 29.19 8.65
CA GLU A 291 -9.70 29.58 7.43
C GLU A 291 -10.49 29.26 6.17
N GLY A 292 -11.54 28.45 6.32
CA GLY A 292 -12.33 28.04 5.16
C GLY A 292 -11.91 26.71 4.56
N VAL A 293 -10.99 26.01 5.23
CA VAL A 293 -10.56 24.69 4.77
C VAL A 293 -11.22 23.53 5.54
N PRO A 294 -11.48 22.42 4.83
CA PRO A 294 -12.03 21.18 5.39
C PRO A 294 -11.43 20.82 6.75
N HIS A 295 -12.29 20.68 7.74
CA HIS A 295 -11.88 20.37 9.10
C HIS A 295 -12.87 19.36 9.71
N ALA A 296 -12.50 18.78 10.84
CA ALA A 296 -13.38 17.86 11.55
C ALA A 296 -13.25 18.14 13.01
N THR A 297 -14.34 17.98 13.75
CA THR A 297 -14.31 18.13 15.18
C THR A 297 -15.16 17.02 15.80
N ALA A 298 -15.24 17.02 17.13
CA ALA A 298 -16.17 16.13 17.80
C ALA A 298 -17.30 16.91 18.45
N ARG A 299 -18.53 16.48 18.27
CA ARG A 299 -19.61 17.04 19.07
C ARG A 299 -19.74 16.23 20.33
N VAL A 300 -19.82 16.91 21.47
CA VAL A 300 -19.74 16.24 22.76
C VAL A 300 -20.78 16.82 23.70
N TYR A 301 -21.55 15.96 24.37
CA TYR A 301 -22.56 16.43 25.31
C TYR A 301 -22.04 16.60 26.75
N TYR A 302 -22.31 17.76 27.34
CA TYR A 302 -22.09 17.98 28.77
C TYR A 302 -22.70 19.30 29.23
N ASP A 303 -22.98 19.37 30.53
CA ASP A 303 -23.52 20.57 31.14
C ASP A 303 -24.78 21.02 30.41
N LYS A 304 -25.69 20.07 30.16
CA LYS A 304 -26.99 20.33 29.55
C LYS A 304 -26.94 20.76 28.08
N LYS A 305 -25.76 20.72 27.47
CA LYS A 305 -25.63 21.22 26.09
C LYS A 305 -24.74 20.34 25.23
N TRP A 306 -24.99 20.35 23.93
CA TRP A 306 -24.05 19.81 22.97
C TRP A 306 -23.01 20.85 22.62
N HIS A 307 -21.74 20.43 22.54
CA HIS A 307 -20.64 21.35 22.30
C HIS A 307 -19.83 20.93 21.09
N THR A 308 -19.19 21.90 20.41
CA THR A 308 -18.21 21.58 19.37
C THR A 308 -16.83 21.62 19.98
N ILE A 309 -16.14 20.47 19.93
CA ILE A 309 -14.81 20.34 20.49
C ILE A 309 -13.78 20.04 19.43
N ASP A 310 -12.85 20.99 19.28
CA ASP A 310 -11.77 20.93 18.30
C ASP A 310 -10.47 20.62 19.00
N GLY A 311 -10.12 19.34 19.07
CA GLY A 311 -8.96 18.93 19.85
C GLY A 311 -7.71 18.73 19.02
N THR A 312 -7.70 19.28 17.82
CA THR A 312 -6.57 19.10 16.95
C THR A 312 -5.34 19.81 17.51
N GLY A 313 -4.22 19.09 17.59
CA GLY A 313 -3.01 19.60 18.20
C GLY A 313 -2.19 20.50 17.28
N PHE A 314 -1.00 20.90 17.75
CA PHE A 314 -0.16 21.82 16.99
C PHE A 314 1.34 21.50 17.08
N ILE A 315 1.71 20.42 17.75
CA ILE A 315 3.12 20.14 17.94
C ILE A 315 3.78 19.52 16.69
N THR A 316 4.93 20.07 16.32
CA THR A 316 5.69 19.59 15.17
C THR A 316 6.63 18.46 15.54
N LYS A 325 2.02 23.85 21.80
CA LYS A 325 1.29 23.51 23.03
C LYS A 325 -0.16 24.00 23.01
N TYR A 326 -1.10 23.06 23.13
CA TYR A 326 -2.53 23.35 23.20
C TYR A 326 -2.86 23.86 24.60
N SER A 327 -3.13 25.17 24.73
CA SER A 327 -3.26 25.80 26.05
C SER A 327 -4.71 25.96 26.51
N GLU A 328 -4.89 26.47 27.71
CA GLU A 328 -6.24 26.64 28.27
C GLU A 328 -6.99 27.77 27.54
N LYS A 329 -6.25 28.81 27.21
CA LYS A 329 -6.78 29.93 26.44
C LYS A 329 -7.29 29.43 25.10
N HIS A 330 -6.45 28.65 24.43
CA HIS A 330 -6.84 28.06 23.14
C HIS A 330 -8.12 27.22 23.26
N PHE A 331 -8.25 26.48 24.35
CA PHE A 331 -9.45 25.66 24.53
C PHE A 331 -10.69 26.52 24.61
N SER A 332 -10.58 27.58 25.41
CA SER A 332 -11.73 28.45 25.61
C SER A 332 -12.13 29.21 24.35
N THR A 333 -11.17 29.67 23.56
CA THR A 333 -11.49 30.53 22.43
C THR A 333 -11.65 29.78 21.11
N ILE A 334 -10.93 28.68 20.95
CA ILE A 334 -10.99 27.89 19.73
C ILE A 334 -11.53 26.47 19.95
N GLY A 335 -11.01 25.79 20.98
CA GLY A 335 -11.32 24.39 21.19
C GLY A 335 -12.80 24.12 21.44
N GLU A 336 -13.44 25.00 22.19
CA GLU A 336 -14.82 24.80 22.64
C GLU A 336 -15.80 25.79 22.03
N ASP A 337 -16.80 25.27 21.32
CA ASP A 337 -17.91 26.06 20.80
C ASP A 337 -17.44 27.30 20.03
N SER A 338 -16.44 27.14 19.16
CA SER A 338 -16.02 28.29 18.35
C SER A 338 -16.60 28.26 16.94
N TYR A 339 -17.44 27.26 16.64
CA TYR A 339 -17.96 27.10 15.28
C TYR A 339 -19.44 27.44 15.21
N ASP A 340 -19.87 27.98 14.07
CA ASP A 340 -21.29 28.04 13.75
C ASP A 340 -21.72 26.62 13.42
N VAL A 341 -22.90 26.23 13.86
CA VAL A 341 -23.36 24.91 13.46
C VAL A 341 -24.37 25.04 12.35
N VAL A 342 -24.34 24.08 11.43
CA VAL A 342 -25.33 24.05 10.38
C VAL A 342 -25.90 22.66 10.33
N GLU A 343 -27.22 22.62 10.21
CA GLU A 343 -27.96 21.40 10.24
C GLU A 343 -27.65 20.60 9.00
N ALA A 344 -27.51 19.30 9.20
CA ALA A 344 -27.43 18.36 8.10
C ALA A 344 -28.53 18.68 7.09
N GLY A 345 -28.12 18.98 5.86
CA GLY A 345 -29.07 19.29 4.81
C GLY A 345 -29.09 20.75 4.39
N GLN A 346 -28.57 21.62 5.23
CA GLN A 346 -28.68 23.05 5.04
C GLN A 346 -27.39 23.67 4.53
N GLU A 347 -27.48 24.87 3.97
CA GLU A 347 -26.31 25.56 3.46
C GLU A 347 -25.69 26.44 4.54
N PRO A 348 -24.35 26.42 4.63
CA PRO A 348 -23.63 27.28 5.55
C PRO A 348 -23.70 28.75 5.13
N LYS A 349 -23.66 29.66 6.10
CA LYS A 349 -23.67 31.10 5.85
C LYS A 349 -22.56 31.50 4.88
N ALA A 350 -21.32 31.27 5.29
CA ALA A 350 -20.17 31.37 4.39
C ALA A 350 -19.46 30.03 4.41
N GLU A 351 -18.43 29.88 3.57
CA GLU A 351 -17.64 28.66 3.62
C GLU A 351 -16.49 28.87 4.60
N ARG A 352 -16.87 29.19 5.84
CA ARG A 352 -15.92 29.47 6.91
C ARG A 352 -16.52 29.04 8.25
N ASN A 353 -15.69 28.47 9.12
CA ASN A 353 -16.00 28.33 10.54
C ASN A 353 -17.35 27.65 10.83
N TYR A 354 -17.60 26.50 10.23
CA TYR A 354 -18.84 25.79 10.50
C TYR A 354 -18.68 24.27 10.61
N MET A 355 -19.57 23.66 11.38
CA MET A 355 -19.62 22.21 11.50
C MET A 355 -21.01 21.72 11.16
N ILE A 356 -21.09 20.63 10.40
CA ILE A 356 -22.36 20.02 10.02
C ILE A 356 -22.83 19.01 11.07
N ILE A 357 -23.86 19.39 11.82
CA ILE A 357 -24.34 18.57 12.91
C ILE A 357 -25.64 17.86 12.60
N ASP A 358 -25.97 16.90 13.46
CA ASP A 358 -27.25 16.20 13.35
C ASP A 358 -27.98 16.33 14.67
N SER A 359 -28.86 17.32 14.74
CA SER A 359 -29.60 17.67 15.94
C SER A 359 -30.50 16.56 16.45
N ASN A 360 -31.11 15.84 15.52
CA ASN A 360 -31.96 14.72 15.89
C ASN A 360 -31.09 13.62 16.51
N TYR A 361 -29.90 13.44 15.94
CA TYR A 361 -28.99 12.43 16.50
C TYR A 361 -28.55 12.86 17.90
N GLU A 362 -28.19 14.13 18.05
CA GLU A 362 -27.81 14.65 19.36
C GLU A 362 -28.89 14.44 20.40
N SER A 363 -30.15 14.69 20.02
CA SER A 363 -31.24 14.47 20.97
C SER A 363 -31.36 13.02 21.38
N TRP A 364 -31.20 12.12 20.40
CA TRP A 364 -31.26 10.69 20.70
C TRP A 364 -30.09 10.20 21.57
N ALA A 365 -28.86 10.56 21.19
CA ALA A 365 -27.67 10.00 21.86
C ALA A 365 -27.53 10.43 23.32
N MET A 366 -27.90 11.67 23.62
CA MET A 366 -27.76 12.19 24.98
C MET A 366 -28.64 11.47 26.01
N LYS A 367 -29.66 10.74 25.54
CA LYS A 367 -30.57 10.02 26.44
C LYS A 367 -30.22 8.53 26.57
N GLN A 368 -29.22 8.09 25.82
CA GLN A 368 -28.80 6.67 25.84
C GLN A 368 -27.93 6.33 27.05
N LYS A 369 -27.91 5.06 27.44
CA LYS A 369 -26.89 4.61 28.37
C LYS A 369 -25.58 4.77 27.61
N THR A 370 -24.60 5.45 28.20
CA THR A 370 -23.44 5.83 27.39
C THR A 370 -22.63 4.62 26.96
N ALA A 371 -22.71 3.53 27.74
CA ALA A 371 -22.03 2.30 27.35
C ALA A 371 -22.56 1.78 26.01
N ASP A 372 -23.87 1.96 25.79
CA ASP A 372 -24.49 1.56 24.53
C ASP A 372 -23.96 2.38 23.36
N LEU A 373 -23.43 3.56 23.64
CA LEU A 373 -22.89 4.39 22.56
C LEU A 373 -21.59 3.75 22.04
N LEU A 374 -21.00 2.85 22.81
CA LEU A 374 -19.71 2.24 22.44
C LEU A 374 -19.92 1.06 21.48
N LEU A 375 -21.13 0.52 21.45
CA LEU A 375 -21.52 -0.59 20.57
C LEU A 375 -20.80 -1.92 20.88
N PHE A 376 -19.57 -1.84 21.36
CA PHE A 376 -18.74 -3.03 21.52
C PHE A 376 -17.68 -2.71 22.55
N ASN A 377 -17.27 -3.72 23.32
CA ASN A 377 -16.28 -3.55 24.40
C ASN A 377 -16.78 -2.61 25.50
N LYS A 378 -18.09 -2.68 25.74
CA LYS A 378 -18.78 -1.86 26.72
C LYS A 378 -18.21 -1.96 28.13
N GLU A 379 -17.54 -3.05 28.45
CA GLU A 379 -16.94 -3.20 29.78
C GLU A 379 -15.76 -2.23 29.97
N LYS A 380 -15.35 -1.57 28.89
CA LYS A 380 -14.30 -0.56 28.99
C LYS A 380 -14.89 0.83 29.21
N SER A 381 -16.21 0.89 29.36
CA SER A 381 -16.85 2.11 29.83
C SER A 381 -16.25 2.50 31.18
N LEU A 382 -15.96 3.79 31.37
CA LEU A 382 -15.38 4.20 32.64
C LEU A 382 -16.46 4.68 33.60
N VAL A 383 -17.73 4.55 33.18
CA VAL A 383 -18.85 4.91 34.04
C VAL A 383 -19.87 3.79 34.09
N GLY A 384 -19.42 2.59 33.78
CA GLY A 384 -20.27 1.42 33.83
C GLY A 384 -21.29 1.33 32.70
N LEU A 385 -22.38 0.64 32.97
CA LEU A 385 -23.38 0.35 31.96
C LEU A 385 -24.67 1.17 32.03
N ASP A 386 -24.86 1.92 33.12
CA ASP A 386 -26.16 2.55 33.40
C ASP A 386 -26.12 4.07 33.35
N TYR A 387 -25.06 4.61 32.79
CA TYR A 387 -24.81 6.04 32.93
C TYR A 387 -25.55 6.81 31.85
N ILE A 388 -26.40 7.75 32.27
CA ILE A 388 -27.12 8.58 31.32
C ILE A 388 -26.79 10.06 31.55
N ALA A 389 -26.16 10.68 30.55
CA ALA A 389 -25.70 12.08 30.66
C ALA A 389 -26.84 13.09 30.78
N TYR A 390 -28.00 12.69 30.25
CA TYR A 390 -29.20 13.52 30.20
C TYR A 390 -29.79 13.76 31.58
N VAL A 391 -29.40 12.93 32.54
CA VAL A 391 -29.88 13.09 33.91
C VAL A 391 -29.28 14.34 34.54
N GLU A 392 -30.02 15.45 34.52
CA GLU A 392 -29.52 16.73 34.99
C GLU A 392 -30.70 17.44 35.61
N PRO A 393 -31.10 16.98 36.80
CA PRO A 393 -32.45 17.24 37.31
C PRO A 393 -32.65 18.57 38.05
N THR A 394 -31.58 19.34 38.29
CA THR A 394 -31.73 20.66 38.92
C THR A 394 -31.14 21.77 38.04
N TYR A 395 -31.59 23.00 38.24
CA TYR A 395 -31.11 24.12 37.44
C TYR A 395 -29.70 24.55 37.85
N ILE A 396 -29.47 24.64 39.16
CA ILE A 396 -28.18 25.04 39.71
C ILE A 396 -27.24 23.83 39.83
N THR A 397 -26.10 23.90 39.14
CA THR A 397 -25.09 22.85 39.23
C THR A 397 -23.68 23.44 39.16
N THR B 11 -42.73 -20.92 3.34
CA THR B 11 -42.63 -19.66 2.62
C THR B 11 -41.46 -19.72 1.61
N ASN B 12 -40.96 -18.57 1.18
CA ASN B 12 -39.94 -18.49 0.12
C ASN B 12 -38.60 -19.18 0.44
N LYS B 13 -38.12 -20.01 -0.48
CA LYS B 13 -36.83 -20.68 -0.33
C LYS B 13 -35.74 -20.04 -1.21
N ILE B 14 -34.52 -20.04 -0.70
CA ILE B 14 -33.36 -19.54 -1.44
C ILE B 14 -32.20 -20.53 -1.38
N GLU B 15 -31.85 -21.10 -2.54
CA GLU B 15 -30.66 -21.94 -2.62
C GLU B 15 -29.48 -21.10 -3.04
N VAL B 16 -28.32 -21.44 -2.47
CA VAL B 16 -27.08 -20.78 -2.80
C VAL B 16 -26.17 -21.81 -3.47
N LEU B 17 -25.90 -21.63 -4.77
CA LEU B 17 -25.13 -22.60 -5.54
C LEU B 17 -23.87 -21.98 -6.11
N ASN B 18 -22.91 -22.80 -6.53
CA ASN B 18 -21.75 -22.24 -7.21
C ASN B 18 -21.94 -22.36 -8.71
N TRP B 19 -20.98 -21.88 -9.47
CA TRP B 19 -21.16 -21.80 -10.91
C TRP B 19 -21.46 -23.15 -11.55
N GLU B 20 -20.85 -24.23 -11.05
CA GLU B 20 -21.03 -25.56 -11.66
C GLU B 20 -22.49 -26.02 -11.58
N ALA B 21 -23.00 -26.07 -10.36
CA ALA B 21 -24.39 -26.45 -10.10
C ALA B 21 -25.37 -25.49 -10.78
N PHE B 22 -25.13 -24.20 -10.59
CA PHE B 22 -26.02 -23.19 -11.17
C PHE B 22 -26.10 -23.34 -12.68
N SER B 23 -24.93 -23.48 -13.31
CA SER B 23 -24.82 -23.69 -14.75
C SER B 23 -25.67 -24.87 -15.19
N LYS B 24 -25.61 -25.97 -14.44
CA LYS B 24 -26.51 -27.10 -14.74
C LYS B 24 -27.98 -26.66 -14.79
N LYS B 25 -28.41 -25.97 -13.73
CA LYS B 25 -29.81 -25.53 -13.68
C LYS B 25 -30.15 -24.55 -14.82
N LEU B 26 -29.15 -23.76 -15.20
CA LEU B 26 -29.33 -22.73 -16.22
C LEU B 26 -29.60 -23.43 -17.54
N LYS B 27 -28.83 -24.47 -17.80
CA LYS B 27 -28.99 -25.24 -19.03
C LYS B 27 -30.32 -25.97 -19.04
N ASP B 28 -30.85 -26.30 -17.87
CA ASP B 28 -32.16 -26.92 -17.88
C ASP B 28 -33.29 -25.92 -18.12
N TYR B 29 -33.25 -24.77 -17.46
CA TYR B 29 -34.40 -23.90 -17.44
C TYR B 29 -34.32 -22.75 -18.45
N SER B 30 -33.15 -22.58 -19.04
CA SER B 30 -32.90 -21.44 -19.91
C SER B 30 -31.91 -21.76 -21.01
N SER B 31 -32.08 -22.91 -21.65
CA SER B 31 -31.09 -23.42 -22.60
C SER B 31 -30.88 -22.52 -23.82
N ASP B 32 -31.91 -21.76 -24.18
CA ASP B 32 -31.86 -20.93 -25.38
C ASP B 32 -31.29 -19.57 -25.06
N GLN B 33 -31.22 -19.24 -23.77
CA GLN B 33 -30.82 -17.91 -23.34
C GLN B 33 -29.30 -17.73 -23.31
N ARG B 34 -28.86 -16.67 -23.98
CA ARG B 34 -27.45 -16.46 -24.29
C ARG B 34 -26.88 -15.29 -23.51
N GLN B 35 -27.73 -14.32 -23.23
CA GLN B 35 -27.30 -13.18 -22.44
C GLN B 35 -28.20 -12.96 -21.23
N PHE B 36 -27.60 -12.49 -20.16
CA PHE B 36 -28.28 -12.34 -18.87
C PHE B 36 -27.87 -11.03 -18.22
N HIS B 37 -28.79 -10.34 -17.54
CA HIS B 37 -28.32 -9.27 -16.67
C HIS B 37 -27.94 -9.91 -15.36
N VAL B 38 -27.07 -9.26 -14.60
CA VAL B 38 -26.65 -9.83 -13.32
C VAL B 38 -26.70 -8.80 -12.22
N LEU B 39 -27.44 -9.12 -11.16
CA LEU B 39 -27.54 -8.27 -9.98
C LEU B 39 -26.73 -8.88 -8.86
N LYS B 40 -25.99 -8.04 -8.16
CA LYS B 40 -25.26 -8.49 -6.99
C LYS B 40 -25.92 -7.88 -5.77
N LEU B 41 -26.26 -8.72 -4.81
CA LEU B 41 -26.97 -8.25 -3.62
C LEU B 41 -26.11 -7.29 -2.84
N GLY B 42 -26.65 -6.11 -2.59
CA GLY B 42 -25.97 -5.10 -1.81
C GLY B 42 -25.38 -4.00 -2.66
N PHE B 43 -25.53 -4.12 -3.97
CA PHE B 43 -24.95 -3.16 -4.90
C PHE B 43 -26.01 -2.51 -5.79
N GLU B 44 -25.90 -1.19 -5.98
CA GLU B 44 -26.88 -0.42 -6.73
C GLU B 44 -26.98 -0.78 -8.21
N ASN B 45 -25.83 -0.87 -8.88
CA ASN B 45 -25.79 -1.12 -10.31
C ASN B 45 -25.69 -2.60 -10.64
N ARG B 46 -26.12 -2.99 -11.83
CA ARG B 46 -25.93 -4.37 -12.29
C ARG B 46 -24.45 -4.73 -12.21
N LEU B 47 -24.16 -5.92 -11.72
CA LEU B 47 -22.80 -6.47 -11.84
C LEU B 47 -22.45 -6.75 -13.30
N GLY B 48 -23.43 -7.15 -14.09
CA GLY B 48 -23.23 -7.41 -15.51
C GLY B 48 -24.45 -7.06 -16.33
N THR B 49 -24.22 -6.55 -17.53
CA THR B 49 -25.32 -6.28 -18.45
C THR B 49 -25.09 -7.09 -19.70
N LEU B 50 -26.12 -7.82 -20.14
CA LEU B 50 -26.01 -8.70 -21.31
C LEU B 50 -24.82 -9.66 -21.19
N SER B 51 -24.58 -10.15 -19.98
CA SER B 51 -23.47 -11.08 -19.73
C SER B 51 -23.67 -12.42 -20.41
N THR B 52 -22.56 -12.99 -20.89
CA THR B 52 -22.52 -14.34 -21.47
C THR B 52 -22.22 -15.37 -20.39
N ARG B 53 -22.46 -16.65 -20.71
CA ARG B 53 -22.17 -17.72 -19.74
C ARG B 53 -20.69 -17.77 -19.33
N GLU B 54 -19.80 -17.32 -20.22
CA GLU B 54 -18.38 -17.25 -19.88
C GLU B 54 -18.13 -16.20 -18.82
N GLU B 55 -18.76 -15.05 -19.00
CA GLU B 55 -18.67 -13.97 -18.02
C GLU B 55 -19.39 -14.34 -16.71
N LEU B 56 -20.46 -15.12 -16.80
CA LEU B 56 -21.10 -15.66 -15.61
C LEU B 56 -20.09 -16.48 -14.83
N GLU B 57 -19.45 -17.42 -15.54
CA GLU B 57 -18.42 -18.28 -14.93
C GLU B 57 -17.36 -17.44 -14.24
N GLU B 58 -16.92 -16.37 -14.89
CA GLU B 58 -15.95 -15.47 -14.27
C GLU B 58 -16.52 -14.82 -13.01
N PHE B 59 -17.81 -14.47 -13.01
CA PHE B 59 -18.42 -13.92 -11.81
C PHE B 59 -18.41 -14.96 -10.68
N GLY B 60 -18.43 -16.24 -11.07
CA GLY B 60 -18.46 -17.35 -10.12
C GLY B 60 -17.25 -17.51 -9.20
N LYS B 61 -16.16 -16.81 -9.52
CA LYS B 61 -14.95 -16.89 -8.71
C LYS B 61 -15.14 -16.27 -7.34
N ASN B 62 -15.81 -15.13 -7.32
CA ASN B 62 -16.01 -14.37 -6.08
C ASN B 62 -17.44 -14.38 -5.56
N ASN B 63 -18.37 -14.93 -6.34
CA ASN B 63 -19.78 -14.92 -5.98
C ASN B 63 -20.44 -16.28 -6.07
N ASN B 64 -21.43 -16.52 -5.20
CA ASN B 64 -22.35 -17.62 -5.42
C ASN B 64 -23.62 -17.13 -6.08
N PHE B 65 -24.44 -18.06 -6.55
CA PHE B 65 -25.59 -17.74 -7.37
C PHE B 65 -26.81 -18.12 -6.57
N LEU B 66 -27.89 -17.37 -6.72
CA LEU B 66 -29.12 -17.66 -5.99
C LEU B 66 -30.16 -18.31 -6.88
N VAL B 67 -30.82 -19.33 -6.34
CA VAL B 67 -32.00 -19.87 -6.98
C VAL B 67 -33.16 -19.63 -6.03
N ILE B 68 -34.21 -18.96 -6.48
CA ILE B 68 -35.30 -18.58 -5.59
C ILE B 68 -36.61 -19.22 -6.00
N ASN B 69 -37.13 -20.07 -5.12
CA ASN B 69 -38.36 -20.83 -5.40
C ASN B 69 -38.24 -21.62 -6.71
N GLY B 70 -37.06 -22.20 -6.92
CA GLY B 70 -36.82 -23.02 -8.09
C GLY B 70 -36.42 -22.24 -9.34
N LYS B 71 -36.40 -20.92 -9.24
CA LYS B 71 -36.10 -20.11 -10.42
C LYS B 71 -34.66 -19.62 -10.48
N VAL B 72 -34.03 -19.83 -11.63
CA VAL B 72 -32.64 -19.41 -11.83
C VAL B 72 -32.54 -17.93 -12.25
N THR B 73 -33.63 -17.35 -12.73
CA THR B 73 -33.64 -15.94 -13.08
C THR B 73 -34.91 -15.24 -12.61
N GLN B 74 -34.79 -13.91 -12.51
CA GLN B 74 -35.89 -12.99 -12.21
C GLN B 74 -36.23 -12.18 -13.46
N ASN B 75 -37.50 -12.15 -13.82
CA ASN B 75 -37.93 -11.45 -15.01
C ASN B 75 -38.03 -9.98 -14.64
N ILE B 76 -37.09 -9.17 -15.11
CA ILE B 76 -37.19 -7.75 -14.77
C ILE B 76 -37.14 -6.94 -16.05
N HIS B 77 -38.19 -6.15 -16.29
CA HIS B 77 -38.43 -5.47 -17.55
C HIS B 77 -38.16 -6.40 -18.71
N ASP B 78 -38.81 -7.55 -18.65
CA ASP B 78 -38.77 -8.58 -19.66
C ASP B 78 -37.34 -8.97 -20.03
N PHE B 79 -36.46 -9.01 -19.03
CA PHE B 79 -35.15 -9.58 -19.28
C PHE B 79 -34.68 -10.40 -18.08
N PRO B 80 -34.09 -11.57 -18.36
CA PRO B 80 -33.72 -12.45 -17.25
C PRO B 80 -32.54 -11.89 -16.46
N HIS B 81 -32.73 -11.84 -15.15
CA HIS B 81 -31.71 -11.36 -14.24
C HIS B 81 -31.24 -12.49 -13.34
N ILE B 82 -29.93 -12.67 -13.25
CA ILE B 82 -29.34 -13.61 -12.32
C ILE B 82 -28.93 -12.88 -11.06
N LEU B 83 -29.25 -13.44 -9.90
CA LEU B 83 -28.87 -12.83 -8.63
C LEU B 83 -27.64 -13.53 -8.06
N VAL B 84 -26.63 -12.75 -7.70
CA VAL B 84 -25.45 -13.31 -7.06
C VAL B 84 -25.12 -12.57 -5.78
N MET B 85 -24.22 -13.12 -4.96
CA MET B 85 -23.76 -12.38 -3.78
C MET B 85 -22.34 -12.83 -3.43
N ASN B 86 -21.59 -11.96 -2.77
CA ASN B 86 -20.23 -12.27 -2.32
C ASN B 86 -20.19 -13.57 -1.55
N LYS B 87 -19.19 -14.41 -1.85
CA LYS B 87 -19.09 -15.74 -1.26
C LYS B 87 -19.13 -15.76 0.28
N GLY B 88 -18.63 -14.74 0.95
CA GLY B 88 -18.69 -14.77 2.42
C GLY B 88 -19.95 -14.21 3.06
N ASP B 89 -20.88 -13.71 2.25
CA ASP B 89 -22.13 -13.13 2.76
C ASP B 89 -23.00 -14.18 3.43
N VAL B 90 -23.88 -13.75 4.32
CA VAL B 90 -24.84 -14.71 4.86
C VAL B 90 -26.29 -14.28 4.63
N ILE B 91 -27.15 -15.28 4.48
CA ILE B 91 -28.57 -15.04 4.36
C ILE B 91 -29.29 -15.47 5.64
N ALA B 92 -29.93 -14.54 6.33
CA ALA B 92 -30.66 -14.87 7.55
C ALA B 92 -31.92 -15.65 7.21
N HIS B 93 -32.11 -16.77 7.90
CA HIS B 93 -33.21 -17.67 7.60
C HIS B 93 -34.52 -17.12 8.12
N ASN B 94 -34.48 -16.60 9.34
CA ASN B 94 -35.63 -15.96 9.98
C ASN B 94 -35.16 -14.81 10.87
N GLU B 95 -36.10 -14.14 11.52
CA GLU B 95 -35.76 -13.01 12.38
C GLU B 95 -34.81 -13.41 13.52
N GLU B 96 -35.10 -14.52 14.17
CA GLU B 96 -34.32 -14.96 15.31
C GLU B 96 -32.86 -15.12 14.91
N ASP B 97 -32.63 -15.77 13.76
CA ASP B 97 -31.30 -15.97 13.21
C ASP B 97 -30.62 -14.62 12.96
N TYR B 98 -31.37 -13.68 12.38
CA TYR B 98 -30.80 -12.38 12.06
C TYR B 98 -30.33 -11.69 13.33
N HIS B 99 -31.15 -11.77 14.37
CA HIS B 99 -30.82 -11.06 15.60
C HIS B 99 -29.68 -11.75 16.33
N ASN B 100 -29.60 -13.07 16.24
CA ASN B 100 -28.41 -13.76 16.71
C ASN B 100 -27.17 -13.19 16.03
N GLN B 101 -27.29 -12.99 14.72
CA GLN B 101 -26.15 -12.59 13.91
C GLN B 101 -25.65 -11.16 14.20
N MET B 102 -26.56 -10.27 14.57
CA MET B 102 -26.25 -8.87 14.82
C MET B 102 -26.05 -8.54 16.30
N ARG B 103 -26.01 -9.55 17.16
CA ARG B 103 -25.92 -9.31 18.60
C ARG B 103 -24.63 -8.58 19.00
N GLU B 104 -23.55 -8.98 18.37
CA GLU B 104 -22.24 -8.45 18.67
C GLU B 104 -21.64 -7.99 17.35
N LEU B 105 -20.97 -6.85 17.36
CA LEU B 105 -20.25 -6.40 16.17
C LEU B 105 -19.35 -7.53 15.67
N ARG B 106 -19.34 -7.73 14.37
CA ARG B 106 -18.52 -8.74 13.71
C ARG B 106 -17.36 -8.07 12.98
N PHE B 107 -16.13 -8.29 13.43
CA PHE B 107 -14.98 -7.58 12.86
C PHE B 107 -14.40 -8.35 11.69
N SER B 108 -14.01 -7.61 10.65
CA SER B 108 -13.53 -8.18 9.40
C SER B 108 -12.40 -9.20 9.57
N GLY B 109 -11.41 -8.86 10.38
CA GLY B 109 -10.27 -9.73 10.60
C GLY B 109 -10.55 -11.07 11.26
N ASN B 110 -11.71 -11.22 11.90
CA ASN B 110 -12.04 -12.50 12.55
C ASN B 110 -12.81 -13.48 11.65
N GLY B 111 -13.01 -13.12 10.38
CA GLY B 111 -13.60 -14.05 9.43
C GLY B 111 -12.80 -15.33 9.32
N ASP B 112 -13.48 -16.46 9.11
CA ASP B 112 -12.80 -17.76 9.04
C ASP B 112 -11.86 -17.83 7.83
N LEU B 113 -12.45 -17.68 6.64
CA LEU B 113 -11.70 -17.75 5.40
C LEU B 113 -10.76 -16.55 5.26
N HIS B 114 -9.47 -16.82 5.43
CA HIS B 114 -8.45 -15.78 5.45
C HIS B 114 -8.37 -14.99 4.14
N ASN B 115 -8.68 -15.65 3.02
CA ASN B 115 -8.44 -15.07 1.70
C ASN B 115 -9.37 -13.91 1.33
N SER B 116 -10.58 -13.88 1.89
CA SER B 116 -11.55 -12.84 1.52
C SER B 116 -12.07 -12.11 2.75
N MET B 117 -11.53 -10.92 2.99
CA MET B 117 -11.93 -10.13 4.14
C MET B 117 -12.38 -8.72 3.71
N GLU B 118 -12.80 -8.59 2.47
CA GLU B 118 -13.57 -7.43 2.03
C GLU B 118 -14.89 -7.45 2.80
N PRO B 119 -15.52 -6.28 2.99
CA PRO B 119 -16.77 -6.24 3.77
C PRO B 119 -17.79 -7.33 3.38
N LYS B 120 -18.23 -8.11 4.36
CA LYS B 120 -19.33 -9.05 4.15
C LYS B 120 -20.69 -8.38 4.39
N ARG B 121 -21.72 -8.94 3.76
CA ARG B 121 -23.07 -8.43 3.95
C ARG B 121 -24.00 -9.52 4.49
N ILE B 122 -25.11 -9.11 5.09
CA ILE B 122 -26.15 -10.05 5.51
C ILE B 122 -27.41 -9.65 4.75
N HIS B 123 -28.22 -10.65 4.38
CA HIS B 123 -29.41 -10.41 3.57
C HIS B 123 -30.62 -11.15 4.16
N ALA B 124 -31.81 -10.68 3.83
CA ALA B 124 -32.99 -11.31 4.39
C ALA B 124 -34.21 -10.96 3.57
N LEU B 125 -35.18 -11.86 3.53
CA LEU B 125 -36.43 -11.61 2.81
C LEU B 125 -37.40 -10.76 3.62
N PHE B 126 -37.03 -10.46 4.86
CA PHE B 126 -37.78 -9.51 5.67
C PHE B 126 -36.92 -8.27 5.84
N LYS B 127 -37.53 -7.16 6.22
CA LYS B 127 -36.85 -5.88 6.24
C LYS B 127 -35.78 -5.85 7.32
N ILE B 128 -34.57 -5.59 6.87
CA ILE B 128 -33.46 -5.37 7.79
C ILE B 128 -32.71 -4.15 7.30
N GLU B 129 -32.26 -3.34 8.25
CA GLU B 129 -31.37 -2.23 7.96
C GLU B 129 -30.55 -1.87 9.20
N LEU B 130 -29.46 -1.15 9.00
CA LEU B 130 -28.76 -0.51 10.12
C LEU B 130 -29.04 0.98 10.05
N ASP B 131 -29.63 1.56 11.10
CA ASP B 131 -30.12 2.93 10.99
C ASP B 131 -29.00 3.96 11.14
N SER B 132 -29.34 5.22 10.88
CA SER B 132 -28.35 6.30 10.88
C SER B 132 -27.72 6.50 12.25
N ASN B 133 -28.44 6.17 13.33
CA ASN B 133 -27.88 6.32 14.69
C ASN B 133 -26.73 5.34 14.91
N LYS B 134 -26.96 4.09 14.52
CA LYS B 134 -25.94 3.06 14.70
C LYS B 134 -24.74 3.37 13.80
N ARG B 135 -24.99 3.82 12.58
CA ARG B 135 -23.90 4.16 11.68
C ARG B 135 -23.10 5.38 12.19
N GLN B 136 -23.79 6.30 12.85
CA GLN B 136 -23.13 7.44 13.44
C GLN B 136 -22.19 6.97 14.57
N LEU B 137 -22.66 6.01 15.37
CA LEU B 137 -21.82 5.49 16.44
C LEU B 137 -20.61 4.69 15.89
N LEU B 138 -20.84 3.96 14.79
CA LEU B 138 -19.74 3.23 14.16
C LEU B 138 -18.68 4.24 13.72
N ASN B 139 -19.14 5.29 13.03
CA ASN B 139 -18.25 6.37 12.61
C ASN B 139 -17.51 6.99 13.78
N ALA B 140 -18.19 7.07 14.92
CA ALA B 140 -17.61 7.61 16.14
C ALA B 140 -16.57 6.67 16.71
N ALA B 141 -16.56 5.42 16.27
CA ALA B 141 -15.45 4.52 16.64
C ALA B 141 -14.46 4.33 15.50
N GLY B 142 -14.63 5.11 14.43
CA GLY B 142 -13.76 5.00 13.27
C GLY B 142 -14.04 3.83 12.34
N LEU B 143 -15.22 3.22 12.49
CA LEU B 143 -15.59 2.04 11.73
C LEU B 143 -16.63 2.35 10.67
N GLY B 144 -16.73 1.48 9.68
CA GLY B 144 -17.79 1.53 8.68
C GLY B 144 -18.30 0.13 8.40
N THR B 145 -19.36 0.03 7.61
CA THR B 145 -20.00 -1.25 7.32
C THR B 145 -20.91 -0.98 6.14
N ALA B 146 -21.11 -2.00 5.30
CA ALA B 146 -21.80 -1.77 4.03
C ALA B 146 -23.17 -1.13 4.28
N GLU B 147 -23.58 -0.34 3.31
CA GLU B 147 -24.80 0.46 3.41
C GLU B 147 -26.05 -0.39 3.23
N ASN B 148 -27.18 0.18 3.62
CA ASN B 148 -28.47 -0.47 3.44
C ASN B 148 -28.85 -0.52 1.98
N SER B 149 -29.41 -1.61 1.52
CA SER B 149 -30.00 -1.59 0.19
C SER B 149 -30.97 -2.72 0.01
N LEU B 150 -31.75 -2.67 -1.06
CA LEU B 150 -32.73 -3.71 -1.28
C LEU B 150 -32.89 -3.93 -2.79
N LYS B 151 -33.41 -5.09 -3.16
CA LYS B 151 -33.84 -5.30 -4.53
C LYS B 151 -35.25 -5.87 -4.49
N ASN B 152 -36.15 -5.24 -5.23
CA ASN B 152 -37.46 -5.82 -5.50
C ASN B 152 -37.34 -6.83 -6.62
N ILE B 153 -37.74 -8.08 -6.38
CA ILE B 153 -37.74 -9.06 -7.44
C ILE B 153 -39.15 -9.64 -7.69
N ASN B 154 -39.24 -10.82 -8.27
CA ASN B 154 -40.55 -11.36 -8.61
C ASN B 154 -41.28 -11.84 -7.35
N GLY B 155 -42.19 -11.01 -6.85
CA GLY B 155 -43.04 -11.41 -5.75
C GLY B 155 -42.43 -11.29 -4.36
N MET B 156 -41.21 -10.76 -4.26
CA MET B 156 -40.59 -10.55 -2.96
C MET B 156 -39.50 -9.47 -3.02
N THR B 157 -39.00 -9.09 -1.84
CA THR B 157 -37.98 -8.06 -1.70
C THR B 157 -36.82 -8.60 -0.86
N ILE B 158 -35.60 -8.39 -1.32
CA ILE B 158 -34.42 -8.85 -0.59
C ILE B 158 -33.70 -7.64 -0.04
N TYR B 159 -33.48 -7.64 1.28
CA TYR B 159 -32.86 -6.51 1.97
C TYR B 159 -31.46 -6.88 2.39
N SER B 160 -30.57 -5.91 2.45
CA SER B 160 -29.14 -6.16 2.61
C SER B 160 -28.49 -5.06 3.43
N HIS B 161 -27.50 -5.42 4.24
CA HIS B 161 -26.64 -4.38 4.81
C HIS B 161 -25.36 -5.02 5.33
N GLY B 162 -24.39 -4.18 5.71
CA GLY B 162 -23.12 -4.66 6.19
C GLY B 162 -23.26 -5.64 7.33
N LEU B 163 -22.43 -6.68 7.30
CA LEU B 163 -22.34 -7.63 8.40
C LEU B 163 -21.05 -7.38 9.18
N THR B 164 -19.92 -7.28 8.48
CA THR B 164 -18.65 -7.01 9.14
C THR B 164 -18.40 -5.51 9.28
N VAL B 165 -17.72 -5.14 10.35
CA VAL B 165 -17.27 -3.77 10.53
C VAL B 165 -15.75 -3.75 10.34
N ASP B 166 -15.24 -2.61 9.88
CA ASP B 166 -13.82 -2.46 9.65
C ASP B 166 -13.51 -0.98 9.74
N ASN B 167 -12.21 -0.68 9.76
CA ASN B 167 -11.70 0.67 9.50
C ASN B 167 -12.55 1.35 8.44
N LYS B 168 -13.06 2.55 8.70
CA LYS B 168 -13.96 3.15 7.74
C LYS B 168 -13.24 3.56 6.45
N TYR B 169 -11.91 3.63 6.49
CA TYR B 169 -11.18 3.97 5.28
C TYR B 169 -10.73 2.76 4.46
N TYR B 170 -11.41 1.63 4.63
CA TYR B 170 -11.05 0.38 3.93
C TYR B 170 -10.85 0.53 2.41
N GLU B 171 -11.76 1.24 1.75
CA GLU B 171 -11.67 1.35 0.29
C GLU B 171 -10.53 2.25 -0.17
N ASP B 172 -10.37 3.34 0.57
CA ASP B 172 -9.29 4.28 0.33
C ASP B 172 -7.93 3.57 0.46
N TYR B 173 -7.77 2.82 1.55
CA TYR B 173 -6.55 2.03 1.74
C TYR B 173 -6.33 0.99 0.65
N SER B 174 -7.40 0.31 0.27
CA SER B 174 -7.31 -0.79 -0.68
C SER B 174 -6.91 -0.34 -2.08
N LYS B 175 -7.23 0.91 -2.41
CA LYS B 175 -6.67 1.49 -3.64
C LYS B 175 -5.15 1.59 -3.60
N TYR B 176 -4.62 1.96 -2.42
CA TYR B 176 -3.18 1.95 -2.26
C TYR B 176 -2.63 0.53 -2.33
N THR B 177 -3.33 -0.46 -1.77
CA THR B 177 -2.85 -1.84 -1.90
C THR B 177 -2.66 -2.18 -3.39
N HIS B 178 -3.72 -1.95 -4.15
CA HIS B 178 -3.67 -2.22 -5.59
C HIS B 178 -2.52 -1.49 -6.30
N ASN B 179 -2.41 -0.18 -6.12
CA ASN B 179 -1.36 0.56 -6.83
C ASN B 179 0.04 0.14 -6.37
N SER B 180 0.15 -0.29 -5.11
CA SER B 180 1.45 -0.71 -4.61
C SER B 180 1.87 -2.08 -5.15
N VAL B 181 0.92 -2.92 -5.58
CA VAL B 181 1.33 -4.25 -6.08
C VAL B 181 1.28 -4.42 -7.61
N LYS B 182 0.63 -3.52 -8.32
CA LYS B 182 0.39 -3.76 -9.76
C LYS B 182 1.68 -3.74 -10.61
N ASN B 183 2.72 -3.10 -10.09
CA ASN B 183 3.98 -3.02 -10.82
C ASN B 183 5.14 -3.82 -10.22
N ILE B 184 4.86 -4.61 -9.19
CA ILE B 184 5.89 -5.48 -8.65
C ILE B 184 5.49 -6.94 -8.80
N ASN B 185 6.34 -7.84 -8.32
CA ASN B 185 6.21 -9.26 -8.68
C ASN B 185 6.09 -9.37 -10.19
N VAL B 186 6.89 -8.58 -10.91
CA VAL B 186 6.84 -8.56 -12.36
C VAL B 186 7.11 -9.96 -12.95
N THR B 187 6.30 -10.36 -13.92
CA THR B 187 6.50 -11.65 -14.60
C THR B 187 7.43 -11.47 -15.81
N LYS B 188 8.06 -12.56 -16.26
CA LYS B 188 8.86 -12.45 -17.49
C LYS B 188 7.97 -11.98 -18.65
N GLU B 189 6.71 -12.38 -18.62
CA GLU B 189 5.78 -11.98 -19.66
C GLU B 189 5.56 -10.46 -19.62
N ARG B 190 5.37 -9.93 -18.42
CA ARG B 190 5.19 -8.50 -18.27
C ARG B 190 6.40 -7.76 -18.81
N PHE B 191 7.59 -8.28 -18.51
CA PHE B 191 8.83 -7.62 -18.89
C PHE B 191 9.02 -7.62 -20.41
N ILE B 192 8.75 -8.77 -21.02
CA ILE B 192 8.79 -8.87 -22.48
C ILE B 192 7.76 -7.96 -23.14
N ALA B 193 6.56 -7.86 -22.57
CA ALA B 193 5.55 -6.97 -23.18
C ALA B 193 5.99 -5.50 -23.08
N ASN B 194 6.61 -5.14 -21.96
CA ASN B 194 7.21 -3.82 -21.84
C ASN B 194 8.31 -3.56 -22.88
N ASP B 195 9.16 -4.57 -23.11
CA ASP B 195 10.20 -4.48 -24.14
C ASP B 195 9.57 -4.27 -25.50
N ASP B 196 8.36 -4.80 -25.66
CA ASP B 196 7.65 -4.57 -26.91
C ASP B 196 7.19 -3.12 -27.01
N LEU B 197 6.63 -2.60 -25.92
CA LEU B 197 6.26 -1.18 -25.86
C LEU B 197 7.44 -0.24 -26.20
N ILE B 198 8.63 -0.59 -25.72
CA ILE B 198 9.83 0.19 -26.00
C ILE B 198 10.18 0.11 -27.47
N HIS B 199 10.14 -1.11 -28.02
CA HIS B 199 10.38 -1.35 -29.44
C HIS B 199 9.46 -0.45 -30.27
N LYS B 200 8.18 -0.40 -29.91
CA LYS B 200 7.24 0.45 -30.62
C LYS B 200 7.60 1.93 -30.47
N LEU B 201 8.07 2.35 -29.31
CA LEU B 201 8.53 3.75 -29.19
C LEU B 201 9.70 3.99 -30.16
N ILE B 202 10.56 2.99 -30.31
CA ILE B 202 11.73 3.10 -31.18
C ILE B 202 11.28 3.24 -32.63
N GLU B 203 10.32 2.41 -33.02
CA GLU B 203 9.73 2.47 -34.35
C GLU B 203 9.13 3.86 -34.58
N SER B 204 8.31 4.30 -33.64
CA SER B 204 7.58 5.56 -33.82
C SER B 204 8.54 6.74 -33.90
N SER B 205 9.64 6.66 -33.16
CA SER B 205 10.65 7.72 -33.16
C SER B 205 11.39 7.82 -34.50
N GLU B 206 11.36 6.75 -35.29
CA GLU B 206 12.10 6.63 -36.55
C GLU B 206 13.62 6.73 -36.34
N ALA B 207 14.08 6.32 -35.16
CA ALA B 207 15.50 6.38 -34.85
C ALA B 207 16.34 5.55 -35.80
N MET B 208 15.80 4.40 -36.24
CA MET B 208 16.56 3.51 -37.12
C MET B 208 16.74 4.13 -38.50
N LYS B 209 15.89 5.09 -38.84
CA LYS B 209 15.97 5.77 -40.13
C LYS B 209 17.07 6.84 -40.16
N GLN B 210 17.65 7.13 -38.99
CA GLN B 210 18.70 8.14 -38.90
C GLN B 210 20.07 7.57 -39.30
N SER B 211 20.91 8.39 -39.93
CA SER B 211 22.20 7.89 -40.39
C SER B 211 23.11 7.57 -39.21
N SER B 212 23.52 8.62 -38.51
CA SER B 212 24.47 8.51 -37.43
C SER B 212 23.82 8.03 -36.13
N GLU B 213 24.66 7.57 -35.21
CA GLU B 213 24.21 7.17 -33.89
C GLU B 213 23.63 8.37 -33.14
N ARG B 214 24.33 9.51 -33.27
CA ARG B 214 23.90 10.74 -32.63
C ARG B 214 22.46 11.11 -33.00
N ASP B 215 22.12 10.95 -34.28
CA ASP B 215 20.79 11.32 -34.72
C ASP B 215 19.77 10.29 -34.26
N LYS B 216 20.20 9.06 -34.05
CA LYS B 216 19.32 8.04 -33.47
C LYS B 216 18.91 8.48 -32.08
N VAL B 217 19.92 8.80 -31.26
CA VAL B 217 19.67 9.31 -29.90
C VAL B 217 18.72 10.50 -29.92
N LYS B 218 19.07 11.50 -30.73
CA LYS B 218 18.30 12.74 -30.84
C LYS B 218 16.84 12.41 -31.13
N ALA B 219 16.63 11.60 -32.16
CA ALA B 219 15.30 11.22 -32.59
C ALA B 219 14.49 10.52 -31.49
N PHE B 220 15.10 9.53 -30.83
CA PHE B 220 14.34 8.80 -29.80
C PHE B 220 13.99 9.70 -28.60
N VAL B 221 14.99 10.40 -28.10
CA VAL B 221 14.86 11.31 -26.97
C VAL B 221 13.76 12.33 -27.22
N GLN B 222 13.79 12.95 -28.40
CA GLN B 222 12.81 13.98 -28.73
C GLN B 222 11.42 13.38 -28.85
N TYR B 223 11.32 12.20 -29.47
CA TYR B 223 10.01 11.57 -29.57
C TYR B 223 9.37 11.27 -28.21
N VAL B 224 10.13 10.62 -27.35
CA VAL B 224 9.61 10.27 -26.04
C VAL B 224 9.22 11.54 -25.30
N ALA B 225 10.09 12.55 -25.32
CA ALA B 225 9.77 13.83 -24.69
C ALA B 225 8.48 14.45 -25.24
N ASN B 226 8.19 14.18 -26.51
CA ASN B 226 6.98 14.71 -27.15
C ASN B 226 5.72 13.86 -26.99
N HIS B 227 5.83 12.67 -26.40
CA HIS B 227 4.63 11.85 -26.23
C HIS B 227 4.45 11.27 -24.83
N THR B 228 5.22 11.79 -23.88
CA THR B 228 5.11 11.39 -22.49
C THR B 228 4.92 12.61 -21.61
N THR B 229 3.93 12.58 -20.73
CA THR B 229 3.73 13.69 -19.81
C THR B 229 4.80 13.68 -18.70
N TYR B 230 5.44 14.82 -18.47
CA TYR B 230 6.27 14.97 -17.26
C TYR B 230 5.37 15.20 -16.04
N ASP B 231 5.59 14.44 -14.98
CA ASP B 231 4.69 14.51 -13.83
C ASP B 231 5.09 15.66 -12.92
N TRP B 232 4.67 16.87 -13.28
CA TRP B 232 5.00 18.06 -12.52
C TRP B 232 4.66 17.95 -11.00
N GLU B 233 3.48 17.44 -10.68
CA GLU B 233 3.04 17.30 -9.28
C GLU B 233 3.95 16.41 -8.45
N ALA B 234 4.25 15.23 -8.98
CA ALA B 234 5.10 14.29 -8.27
C ALA B 234 6.52 14.85 -8.13
N ALA B 235 7.02 15.55 -9.14
CA ALA B 235 8.37 16.10 -9.07
C ALA B 235 8.42 17.17 -7.98
N ASN B 236 7.35 17.98 -7.95
CA ASN B 236 7.15 19.00 -6.95
C ASN B 236 7.22 18.39 -5.53
N LYS B 237 6.42 17.38 -5.27
CA LYS B 237 6.45 16.74 -3.96
C LYS B 237 7.78 16.07 -3.66
N ALA B 238 8.47 15.58 -4.68
CA ALA B 238 9.74 14.91 -4.44
C ALA B 238 10.85 15.90 -4.06
N VAL B 239 10.82 17.12 -4.60
CA VAL B 239 11.89 18.08 -4.23
C VAL B 239 11.74 18.52 -2.78
N GLN B 240 10.53 18.43 -2.25
CA GLN B 240 10.29 18.75 -0.85
C GLN B 240 10.20 17.47 -0.06
N ASN B 241 11.12 16.55 -0.38
CA ASN B 241 11.10 15.14 -0.01
C ASN B 241 9.86 14.66 0.75
N TYR B 242 8.73 14.77 0.08
CA TYR B 242 7.45 14.35 0.62
C TYR B 242 7.15 12.95 0.10
N ALA B 243 6.86 12.01 1.00
CA ALA B 243 6.64 10.62 0.61
C ALA B 243 5.47 10.51 -0.36
N ASP B 244 5.69 9.82 -1.48
CA ASP B 244 4.72 9.77 -2.56
C ASP B 244 4.91 8.53 -3.45
N ILE B 245 3.91 7.66 -3.46
CA ILE B 245 3.94 6.46 -4.29
C ILE B 245 4.03 6.86 -5.78
N ASN B 246 3.50 8.03 -6.11
CA ASN B 246 3.57 8.55 -7.48
C ASN B 246 5.01 8.77 -7.97
N TYR B 247 5.94 8.96 -7.04
CA TYR B 247 7.35 9.06 -7.44
C TYR B 247 7.80 7.74 -8.08
N TYR B 248 7.43 6.65 -7.44
CA TYR B 248 7.81 5.33 -7.93
C TYR B 248 7.04 5.01 -9.21
N LEU B 249 5.78 5.41 -9.28
CA LEU B 249 4.99 5.18 -10.50
C LEU B 249 5.51 6.00 -11.69
N GLY B 250 6.21 7.10 -11.41
CA GLY B 250 6.78 7.88 -12.49
C GLY B 250 8.23 7.53 -12.80
N SER B 251 8.83 6.68 -11.95
CA SER B 251 10.25 6.37 -12.05
C SER B 251 10.59 4.96 -12.53
N ASP B 252 9.63 4.02 -12.42
CA ASP B 252 9.95 2.63 -12.74
C ASP B 252 9.79 2.34 -14.23
N LEU B 253 10.05 1.09 -14.59
CA LEU B 253 10.19 0.70 -15.98
C LEU B 253 8.90 0.80 -16.78
N PHE B 254 7.78 1.04 -16.08
CA PHE B 254 6.47 1.08 -16.74
C PHE B 254 5.97 2.50 -16.96
N ALA B 255 6.71 3.47 -16.44
CA ALA B 255 6.23 4.83 -16.38
C ALA B 255 6.02 5.47 -17.77
N VAL B 256 7.01 5.44 -18.66
CA VAL B 256 6.74 6.11 -19.93
C VAL B 256 6.03 5.18 -20.89
N THR B 257 6.18 3.86 -20.69
CA THR B 257 5.64 2.90 -21.63
C THR B 257 4.16 2.61 -21.43
N GLU B 258 3.78 2.23 -20.20
CA GLU B 258 2.39 1.95 -19.85
C GLU B 258 1.61 3.18 -19.40
N ARG B 259 2.21 3.91 -18.48
CA ARG B 259 1.52 5.04 -17.85
C ARG B 259 1.54 6.28 -18.72
N GLN B 260 2.57 6.40 -19.55
CA GLN B 260 2.79 7.57 -20.42
C GLN B 260 2.94 8.86 -19.63
N LYS B 261 3.39 8.71 -18.38
CA LYS B 261 3.56 9.83 -17.49
C LYS B 261 4.70 9.46 -16.58
N ALA B 262 5.71 10.31 -16.51
CA ALA B 262 6.96 9.89 -15.90
C ALA B 262 7.79 11.07 -15.40
N MET B 263 8.75 10.74 -14.58
CA MET B 263 9.77 11.63 -14.15
C MET B 263 11.11 11.19 -14.66
N CYS B 264 12.16 11.88 -14.24
CA CYS B 264 13.48 11.70 -14.80
C CYS B 264 14.03 10.27 -14.83
N VAL B 265 13.90 9.54 -13.76
CA VAL B 265 14.36 8.19 -13.72
C VAL B 265 13.58 7.36 -14.71
N GLY B 266 12.28 7.56 -14.80
CA GLY B 266 11.50 6.85 -15.80
C GLY B 266 11.99 7.10 -17.22
N PHE B 267 11.99 8.37 -17.62
CA PHE B 267 12.57 8.75 -18.92
C PHE B 267 13.94 8.12 -19.18
N SER B 268 14.85 8.21 -18.21
CA SER B 268 16.22 7.74 -18.38
C SER B 268 16.30 6.22 -18.47
N THR B 269 15.44 5.52 -17.73
CA THR B 269 15.44 4.05 -17.75
C THR B 269 14.90 3.50 -19.08
N THR B 270 13.80 4.10 -19.55
CA THR B 270 13.26 3.72 -20.85
C THR B 270 14.27 4.04 -21.96
N ALA B 271 14.93 5.19 -21.85
CA ALA B 271 15.91 5.58 -22.85
C ALA B 271 17.12 4.64 -22.83
N ALA B 272 17.60 4.28 -21.66
CA ALA B 272 18.77 3.42 -21.56
C ALA B 272 18.45 2.07 -22.18
N ARG B 273 17.27 1.54 -21.83
CA ARG B 273 16.84 0.25 -22.40
C ARG B 273 16.79 0.36 -23.92
N ALA B 274 16.10 1.37 -24.43
CA ALA B 274 16.00 1.61 -25.88
C ALA B 274 17.35 1.74 -26.59
N PHE B 275 18.30 2.43 -25.98
CA PHE B 275 19.61 2.65 -26.58
C PHE B 275 20.43 1.37 -26.65
N ASN B 276 20.27 0.52 -25.62
CA ASN B 276 20.97 -0.76 -25.63
C ASN B 276 20.40 -1.62 -26.76
N MET B 277 19.08 -1.59 -26.93
CA MET B 277 18.48 -2.28 -28.06
C MET B 277 19.06 -1.79 -29.40
N LEU B 278 19.32 -0.48 -29.48
CA LEU B 278 19.79 0.14 -30.71
C LEU B 278 21.29 -0.01 -30.92
N GLY B 279 21.94 -0.78 -30.06
CA GLY B 279 23.38 -0.96 -30.17
C GLY B 279 24.17 0.19 -29.58
N LEU B 280 23.52 0.98 -28.72
CA LEU B 280 24.19 2.12 -28.13
C LEU B 280 24.36 1.92 -26.62
N PRO B 281 25.50 1.36 -26.18
CA PRO B 281 25.75 1.05 -24.76
C PRO B 281 25.29 2.17 -23.84
N ALA B 282 24.37 1.84 -22.92
CA ALA B 282 23.76 2.86 -22.08
C ALA B 282 23.48 2.37 -20.65
N TYR B 283 23.50 3.30 -19.71
CA TYR B 283 23.04 2.98 -18.36
C TYR B 283 22.49 4.25 -17.74
N VAL B 284 21.81 4.09 -16.61
CA VAL B 284 21.17 5.21 -15.93
C VAL B 284 22.08 5.77 -14.85
N VAL B 285 22.20 7.10 -14.82
CA VAL B 285 22.97 7.75 -13.77
C VAL B 285 22.17 8.80 -13.03
N VAL B 286 22.64 9.16 -11.84
CA VAL B 286 22.01 10.20 -11.03
C VAL B 286 23.04 11.21 -10.58
N GLY B 287 22.57 12.42 -10.29
CA GLY B 287 23.41 13.50 -9.88
C GLY B 287 22.53 14.66 -9.49
N LYS B 288 22.96 15.87 -9.79
CA LYS B 288 22.14 17.02 -9.47
C LYS B 288 21.98 17.98 -10.64
N ASN B 289 20.80 18.60 -10.68
CA ASN B 289 20.46 19.69 -11.58
C ASN B 289 21.52 20.76 -11.65
N ALA B 290 21.45 21.58 -12.69
CA ALA B 290 22.22 22.80 -12.73
C ALA B 290 21.64 23.80 -11.71
N GLU B 291 20.48 23.48 -11.15
CA GLU B 291 19.90 24.24 -10.04
C GLU B 291 20.07 23.54 -8.69
N GLY B 292 20.93 22.54 -8.62
CA GLY B 292 21.16 21.85 -7.36
C GLY B 292 20.17 20.76 -6.97
N VAL B 293 19.12 20.54 -7.75
CA VAL B 293 18.13 19.54 -7.35
C VAL B 293 18.48 18.16 -7.93
N PRO B 294 18.19 17.09 -7.17
CA PRO B 294 18.58 15.75 -7.60
C PRO B 294 17.94 15.37 -8.94
N HIS B 295 18.72 14.76 -9.83
CA HIS B 295 18.24 14.50 -11.17
C HIS B 295 18.82 13.18 -11.68
N ALA B 296 18.30 12.73 -12.82
CA ALA B 296 18.76 11.49 -13.44
C ALA B 296 18.81 11.62 -14.94
N THR B 297 19.81 10.97 -15.56
CA THR B 297 20.01 11.04 -17.00
C THR B 297 20.50 9.69 -17.50
N ALA B 298 20.62 9.51 -18.81
CA ALA B 298 21.31 8.31 -19.31
C ALA B 298 22.72 8.67 -19.73
N ARG B 299 23.61 7.70 -19.61
CA ARG B 299 24.91 7.75 -20.26
C ARG B 299 24.85 6.79 -21.42
N VAL B 300 25.25 7.25 -22.59
CA VAL B 300 25.15 6.49 -23.83
C VAL B 300 26.46 6.54 -24.59
N TYR B 301 26.86 5.43 -25.17
CA TYR B 301 28.10 5.42 -25.95
C TYR B 301 27.81 5.60 -27.44
N TYR B 302 28.36 6.65 -28.03
CA TYR B 302 28.31 6.79 -29.48
C TYR B 302 29.41 7.72 -29.95
N ASP B 303 29.78 7.57 -31.21
CA ASP B 303 30.84 8.38 -31.80
C ASP B 303 32.07 8.39 -30.93
N LYS B 304 32.55 7.19 -30.59
CA LYS B 304 33.80 7.04 -29.84
C LYS B 304 33.78 7.63 -28.44
N LYS B 305 32.62 8.04 -27.94
CA LYS B 305 32.60 8.66 -26.62
C LYS B 305 31.36 8.33 -25.79
N TRP B 306 31.52 8.39 -24.47
CA TRP B 306 30.39 8.30 -23.57
C TRP B 306 29.82 9.69 -23.37
N HIS B 307 28.51 9.81 -23.54
CA HIS B 307 27.82 11.09 -23.43
C HIS B 307 26.73 11.07 -22.35
N THR B 308 26.54 12.23 -21.71
CA THR B 308 25.36 12.40 -20.86
C THR B 308 24.21 12.94 -21.70
N ILE B 309 23.11 12.19 -21.68
CA ILE B 309 21.88 12.55 -22.35
C ILE B 309 20.75 12.76 -21.34
N ASP B 310 20.30 14.01 -21.23
CA ASP B 310 19.18 14.42 -20.38
C ASP B 310 17.89 14.42 -21.21
N GLY B 311 17.02 13.44 -20.98
CA GLY B 311 15.82 13.30 -21.77
C GLY B 311 14.70 14.19 -21.29
N THR B 312 14.98 14.94 -20.23
CA THR B 312 13.98 15.85 -19.68
C THR B 312 14.58 17.27 -19.53
N GLY B 313 15.06 17.80 -20.65
CA GLY B 313 15.78 19.06 -20.63
C GLY B 313 14.90 20.31 -20.65
N PHE B 314 13.63 20.16 -20.28
CA PHE B 314 12.63 21.23 -20.34
C PHE B 314 12.15 21.69 -18.97
N ILE B 315 12.69 21.09 -17.91
CA ILE B 315 12.22 21.37 -16.56
C ILE B 315 12.59 22.76 -16.04
N THR B 316 13.82 23.18 -16.28
CA THR B 316 14.35 24.36 -15.62
C THR B 316 14.17 25.64 -16.42
N GLY B 317 13.37 26.57 -15.90
CA GLY B 317 13.19 27.87 -16.52
C GLY B 317 14.44 28.75 -16.57
N ASN B 318 15.39 28.49 -15.66
CA ASN B 318 16.57 29.36 -15.55
C ASN B 318 17.79 28.81 -16.26
N LYS B 319 18.47 29.68 -16.99
CA LYS B 319 19.61 29.27 -17.80
C LYS B 319 20.92 29.43 -17.05
N HIS B 320 21.95 28.72 -17.51
CA HIS B 320 23.29 28.87 -16.96
C HIS B 320 24.34 28.52 -18.04
N GLN B 321 24.98 29.54 -18.61
CA GLN B 321 25.99 29.36 -19.64
C GLN B 321 27.36 29.09 -19.00
N ARG B 322 28.37 28.85 -19.84
CA ARG B 322 29.78 28.73 -19.44
C ARG B 322 30.04 27.42 -18.67
N SER B 323 31.27 26.90 -18.65
CA SER B 323 32.42 27.50 -19.34
C SER B 323 32.58 26.94 -20.76
N ALA B 324 33.55 27.45 -21.50
CA ALA B 324 33.71 27.10 -22.91
C ALA B 324 34.47 25.79 -23.10
N LYS B 325 33.75 24.76 -23.55
CA LYS B 325 34.36 23.51 -24.01
C LYS B 325 33.55 22.90 -25.16
N TYR B 326 33.73 23.43 -26.37
CA TYR B 326 34.60 24.57 -26.63
C TYR B 326 33.78 25.82 -26.93
N SER B 327 32.49 25.62 -27.15
CA SER B 327 31.57 26.71 -27.49
C SER B 327 30.13 26.20 -27.47
N GLU B 328 29.20 27.12 -27.71
CA GLU B 328 27.83 26.75 -28.02
C GLU B 328 27.79 26.27 -29.48
N LYS B 329 28.87 26.52 -30.20
CA LYS B 329 28.95 26.15 -31.61
C LYS B 329 29.05 24.64 -31.77
N HIS B 330 29.46 23.95 -30.71
CA HIS B 330 29.31 22.49 -30.67
C HIS B 330 27.83 22.22 -30.47
N PHE B 331 27.09 22.36 -31.55
CA PHE B 331 25.64 22.48 -31.48
C PHE B 331 24.97 21.16 -31.14
N SER B 332 24.09 21.20 -30.14
CA SER B 332 23.25 20.07 -29.79
C SER B 332 21.84 20.58 -29.51
N THR B 333 20.83 19.81 -29.90
CA THR B 333 19.46 20.15 -29.61
C THR B 333 18.86 19.22 -28.57
N ILE B 334 19.71 18.40 -27.94
CA ILE B 334 19.28 17.59 -26.79
C ILE B 334 20.25 17.71 -25.61
N GLY B 335 21.03 18.78 -25.60
CA GLY B 335 21.88 19.11 -24.46
C GLY B 335 23.00 18.12 -24.17
N GLU B 336 23.43 17.38 -25.20
CA GLU B 336 24.52 16.42 -25.09
C GLU B 336 25.69 16.95 -24.25
N ASP B 337 26.03 16.19 -23.20
CA ASP B 337 27.21 16.43 -22.38
C ASP B 337 27.26 17.78 -21.71
N SER B 338 26.13 18.21 -21.18
CA SER B 338 26.07 19.51 -20.52
C SER B 338 26.34 19.38 -19.02
N TYR B 339 26.57 18.14 -18.57
CA TYR B 339 26.86 17.89 -17.15
C TYR B 339 28.35 17.72 -16.89
N ASP B 340 28.80 18.18 -15.72
CA ASP B 340 30.10 17.78 -15.21
C ASP B 340 29.96 16.34 -14.74
N VAL B 341 31.06 15.60 -14.75
CA VAL B 341 30.99 14.22 -14.28
C VAL B 341 31.76 14.05 -12.99
N VAL B 342 31.20 13.25 -12.11
CA VAL B 342 31.81 12.94 -10.83
C VAL B 342 32.03 11.44 -10.81
N GLU B 343 33.22 11.00 -10.43
CA GLU B 343 33.53 9.58 -10.44
C GLU B 343 32.89 8.86 -9.25
N ALA B 344 32.30 7.69 -9.53
CA ALA B 344 31.70 6.86 -8.48
C ALA B 344 32.68 6.62 -7.34
N GLY B 345 32.26 6.90 -6.11
CA GLY B 345 33.15 6.78 -4.97
C GLY B 345 33.66 8.14 -4.51
N GLN B 346 34.27 8.88 -5.42
CA GLN B 346 34.67 10.25 -5.14
C GLN B 346 33.46 11.05 -4.72
N GLU B 347 33.64 11.93 -3.73
CA GLU B 347 32.56 12.81 -3.31
C GLU B 347 32.45 13.98 -4.27
N PRO B 348 31.21 14.35 -4.62
CA PRO B 348 30.95 15.47 -5.52
C PRO B 348 31.57 16.75 -4.99
N LYS B 349 32.48 17.33 -5.75
CA LYS B 349 33.15 18.53 -5.29
C LYS B 349 32.23 19.74 -5.45
N ALA B 350 31.41 19.73 -6.50
CA ALA B 350 30.37 20.75 -6.63
C ALA B 350 29.06 20.18 -6.11
N GLU B 351 27.99 20.96 -6.18
CA GLU B 351 26.69 20.47 -5.74
C GLU B 351 25.59 20.82 -6.72
N ARG B 352 26.00 21.06 -7.96
CA ARG B 352 25.06 21.33 -9.04
C ARG B 352 25.70 20.93 -10.36
N ASN B 353 24.87 20.49 -11.30
CA ASN B 353 25.29 20.13 -12.65
C ASN B 353 26.38 19.06 -12.70
N TYR B 354 26.18 17.98 -11.94
CA TYR B 354 26.99 16.79 -12.11
C TYR B 354 26.12 15.55 -12.24
N MET B 355 26.65 14.55 -12.94
CA MET B 355 26.14 13.19 -12.93
C MET B 355 27.22 12.28 -12.38
N ILE B 356 26.85 11.37 -11.49
CA ILE B 356 27.80 10.44 -10.91
C ILE B 356 27.97 9.22 -11.81
N ILE B 357 29.10 9.16 -12.52
CA ILE B 357 29.31 8.10 -13.50
C ILE B 357 30.28 7.05 -12.98
N ASP B 358 30.35 5.92 -13.65
CA ASP B 358 31.29 4.86 -13.29
C ASP B 358 32.15 4.49 -14.50
N SER B 359 33.36 5.02 -14.55
CA SER B 359 34.20 4.93 -15.73
C SER B 359 34.65 3.51 -16.02
N ASN B 360 34.81 2.71 -14.98
CA ASN B 360 35.20 1.31 -15.15
C ASN B 360 34.09 0.58 -15.87
N TYR B 361 32.86 0.80 -15.41
CA TYR B 361 31.71 0.20 -16.06
C TYR B 361 31.61 0.66 -17.52
N GLU B 362 31.86 1.94 -17.76
CA GLU B 362 31.75 2.46 -19.10
C GLU B 362 32.78 1.79 -20.00
N SER B 363 34.03 1.71 -19.54
CA SER B 363 35.09 1.06 -20.31
C SER B 363 34.73 -0.38 -20.59
N TRP B 364 34.11 -1.02 -19.60
CA TRP B 364 33.65 -2.40 -19.73
C TRP B 364 32.48 -2.55 -20.69
N ALA B 365 31.47 -1.69 -20.52
CA ALA B 365 30.22 -1.81 -21.28
C ALA B 365 30.43 -1.57 -22.77
N MET B 366 31.21 -0.55 -23.11
CA MET B 366 31.45 -0.21 -24.50
C MET B 366 32.10 -1.36 -25.26
N LYS B 367 32.71 -2.28 -24.52
CA LYS B 367 33.41 -3.40 -25.13
C LYS B 367 32.60 -4.69 -25.13
N GLN B 368 31.43 -4.69 -24.49
CA GLN B 368 30.57 -5.88 -24.50
C GLN B 368 29.80 -5.96 -25.80
N LYS B 369 29.34 -7.16 -26.15
CA LYS B 369 28.32 -7.28 -27.20
C LYS B 369 27.10 -6.55 -26.68
N THR B 370 26.52 -5.66 -27.48
CA THR B 370 25.41 -4.84 -26.99
C THR B 370 24.18 -5.67 -26.58
N ALA B 371 23.94 -6.80 -27.25
CA ALA B 371 22.78 -7.62 -26.90
C ALA B 371 22.94 -8.23 -25.51
N ASP B 372 24.18 -8.57 -25.15
CA ASP B 372 24.49 -9.02 -23.80
C ASP B 372 24.12 -7.96 -22.76
N LEU B 373 24.30 -6.69 -23.12
CA LEU B 373 23.99 -5.59 -22.19
C LEU B 373 22.51 -5.58 -21.81
N LEU B 374 21.68 -6.24 -22.61
CA LEU B 374 20.25 -6.33 -22.35
C LEU B 374 19.90 -7.35 -21.25
N LEU B 375 20.83 -8.28 -20.99
CA LEU B 375 20.69 -9.32 -19.96
C LEU B 375 19.65 -10.38 -20.27
N PHE B 376 18.52 -9.97 -20.82
CA PHE B 376 17.41 -10.88 -21.03
C PHE B 376 16.61 -10.38 -22.21
N ASN B 377 15.86 -11.27 -22.83
CA ASN B 377 15.10 -10.94 -24.03
C ASN B 377 16.03 -10.38 -25.11
N LYS B 378 17.25 -10.93 -25.16
CA LYS B 378 18.33 -10.49 -26.04
C LYS B 378 17.93 -10.40 -27.51
N GLU B 379 16.88 -11.12 -27.88
CA GLU B 379 16.47 -11.19 -29.28
C GLU B 379 15.88 -9.87 -29.75
N LYS B 380 15.38 -9.06 -28.84
CA LYS B 380 14.73 -7.82 -29.25
C LYS B 380 15.76 -6.76 -29.67
N SER B 381 17.03 -7.06 -29.44
CA SER B 381 18.13 -6.27 -30.00
C SER B 381 17.92 -6.05 -31.49
N LEU B 382 18.18 -4.82 -31.95
CA LEU B 382 17.93 -4.42 -33.32
C LEU B 382 19.20 -4.44 -34.14
N VAL B 383 20.28 -4.87 -33.50
CA VAL B 383 21.58 -4.92 -34.16
C VAL B 383 22.16 -6.32 -34.06
N GLY B 384 21.29 -7.31 -33.90
CA GLY B 384 21.74 -8.68 -33.78
C GLY B 384 22.36 -8.97 -32.43
N LEU B 385 23.00 -10.13 -32.32
CA LEU B 385 23.51 -10.61 -31.04
C LEU B 385 25.02 -10.49 -30.93
N ASP B 386 25.67 -9.99 -31.98
CA ASP B 386 27.13 -9.99 -32.04
C ASP B 386 27.79 -8.63 -32.19
N TYR B 387 26.99 -7.56 -32.25
CA TYR B 387 27.60 -6.25 -32.47
C TYR B 387 28.20 -5.67 -31.20
N ILE B 388 29.40 -5.12 -31.37
CA ILE B 388 30.14 -4.48 -30.30
C ILE B 388 30.45 -3.03 -30.70
N ALA B 389 30.01 -2.09 -29.88
CA ALA B 389 30.11 -0.67 -30.22
C ALA B 389 31.54 -0.20 -30.37
N TYR B 390 32.41 -0.71 -29.52
CA TYR B 390 33.81 -0.30 -29.49
C TYR B 390 34.51 -0.77 -30.75
N VAL B 391 35.55 -0.04 -31.13
CA VAL B 391 36.35 -0.41 -32.30
C VAL B 391 37.84 -0.21 -32.01
N GLU B 392 38.67 -1.13 -32.53
CA GLU B 392 40.14 -1.05 -32.44
C GLU B 392 40.67 -0.73 -31.04
#